data_9BVP
#
_entry.id   9BVP
#
_cell.length_a   1.00
_cell.length_b   1.00
_cell.length_c   1.00
_cell.angle_alpha   90.00
_cell.angle_beta   90.00
_cell.angle_gamma   90.00
#
_symmetry.space_group_name_H-M   'P 1'
#
loop_
_entity.id
_entity.type
_entity.pdbx_description
1 polymer 'Vitamin K-dependent gamma-carboxylase'
2 polymer 'Transmembrane gamma-carboxyglutamic acid protein 2'
3 branched 2-acetamido-2-deoxy-beta-D-glucopyranose-(1-4)-2-acetamido-2-deoxy-beta-D-glucopyranose
4 non-polymer 'vitamin K1 hydroquinone'
5 non-polymer '(4S,7R)-4-HYDROXY-N,N,N-TRIMETHYL-9-OXO-7-[(PALMITOYLOXY)METHYL]-3,5,8-TRIOXA-4-PHOSPHAHEXACOSAN-1-AMINIUM 4-OXIDE'
6 non-polymer 2-acetamido-2-deoxy-beta-D-glucopyranose
#
loop_
_entity_poly.entity_id
_entity_poly.type
_entity_poly.pdbx_seq_one_letter_code
_entity_poly.pdbx_strand_id
1 'polypeptide(L)'
;SGPRQDSRIGKLLGFEWTDLSSWRRLVTLLNRPTDPASLAVFRFLFGFLMVLDIPQERGLSSLDRKYLDGLDVCRFPLLD
ALRPLPLDWMYLVYTIMFLGALGMMLGLCYRISCVLFLLPYWYVFLLDKTSWNNHSYLYGLLAFQLTFMDANHYWSVDGL
LNAHRRNAHVPLWNYAVLRGQIFIVYFIAGVKKLDADWVEGYSMEYLSRHWLFSPFKLLLSEELTSLLVVHWGGLLLDLS
AGFLLFFDVSRSIGLFFVSYFHCMNSQLFSIGMFSYVMLASSPLFCSPEWPRKLVSYCPRRLQQLLPLKAAPQPSVSCVY
KRSRGKSGQKPGLRHQLGAAFTLLYLLEQLFLPYSHFLTQGYNNWTNGLYGYSWDMMVHSRSHQHVKITYRDGRTGELGY
LNPGVFTQSRRWKDHADMLKQYATCLSRLLPKYNVTEPQIYFDIWVSINDRFQQRIFDPRVDIVQAAWSPFQRTSWVQPL
LMDLSPWRAKLQEIKSSLDNHTEVVFIADFPGLHLENFVSEDLGNTSIQLLQGEVTVELVAEQKNQTLREGEKMQLPAGE
YHKVYTTSPSPSCYMYVYVNTTELALEQDLAYLQELKEKVENGSETGPLPPELQPLLEGEVKGGPEPTPLVQTFLRRQQR
LQEIERRRNTPFHERFFRFLLRKLYVFRRSFLMTCISLRNLILGRPSLEQLAQEVTYANLRPFEAVGELNPSNTDSSHSN
PPESNPDPVHSEF
;
A
2 'polypeptide(L)'
;EETDQEVFLGPPEAQSFLSSHTRIPRANHWDLELLTPGNLERECLEERCSWEEAREYFEDNTLTERFWESYIYNGKGGRG
RVDVASLAVGLTGGILLIVLAGLGAFWYLRWRQHRG
;
P
#
# COMPACT_ATOMS: atom_id res chain seq x y z
N ASP A 6 -33.76 12.53 31.95
CA ASP A 6 -33.61 13.52 33.01
C ASP A 6 -32.26 13.37 33.70
N SER A 7 -31.87 12.13 33.98
CA SER A 7 -30.57 11.87 34.59
C SER A 7 -29.45 12.31 33.67
N ARG A 8 -28.36 12.80 34.28
CA ARG A 8 -27.24 13.30 33.49
C ARG A 8 -26.61 12.18 32.67
N ILE A 9 -26.52 10.97 33.24
CA ILE A 9 -26.00 9.84 32.48
C ILE A 9 -26.90 9.54 31.29
N GLY A 10 -28.22 9.62 31.50
CA GLY A 10 -29.14 9.41 30.40
C GLY A 10 -28.97 10.42 29.29
N LYS A 11 -28.80 11.70 29.65
CA LYS A 11 -28.60 12.73 28.64
C LYS A 11 -27.30 12.53 27.89
N LEU A 12 -26.20 12.25 28.61
CA LEU A 12 -24.91 12.12 27.96
C LEU A 12 -24.85 10.87 27.07
N LEU A 13 -25.23 9.72 27.61
CA LEU A 13 -25.14 8.45 26.89
C LEU A 13 -26.36 8.14 26.05
N GLY A 14 -27.47 8.85 26.26
CA GLY A 14 -28.68 8.64 25.48
C GLY A 14 -29.56 7.51 25.94
N PHE A 15 -29.19 6.78 27.00
CA PHE A 15 -30.02 5.71 27.52
C PHE A 15 -29.86 5.66 29.04
N GLU A 16 -30.90 5.13 29.70
CA GLU A 16 -30.89 4.97 31.14
C GLU A 16 -30.34 3.60 31.52
N TRP A 17 -29.88 3.49 32.77
CA TRP A 17 -29.36 2.22 33.25
C TRP A 17 -30.44 1.15 33.28
N THR A 18 -31.65 1.52 33.69
CA THR A 18 -32.74 0.55 33.78
C THR A 18 -33.10 -0.05 32.43
N ASP A 19 -32.74 0.62 31.33
CA ASP A 19 -32.98 0.04 30.01
C ASP A 19 -32.19 -1.24 29.78
N LEU A 20 -31.11 -1.47 30.53
CA LEU A 20 -30.29 -2.66 30.38
C LEU A 20 -30.56 -3.72 31.43
N SER A 21 -31.63 -3.57 32.21
CA SER A 21 -31.92 -4.54 33.27
C SER A 21 -32.27 -5.90 32.68
N SER A 22 -33.05 -5.93 31.60
CA SER A 22 -33.54 -7.17 31.01
C SER A 22 -33.32 -7.15 29.50
N TRP A 23 -33.43 -8.34 28.90
CA TRP A 23 -33.19 -8.49 27.48
C TRP A 23 -34.23 -7.75 26.65
N ARG A 24 -35.49 -7.81 27.06
CA ARG A 24 -36.56 -7.16 26.29
C ARG A 24 -36.36 -5.66 26.23
N ARG A 25 -35.95 -5.06 27.35
CA ARG A 25 -35.69 -3.62 27.35
C ARG A 25 -34.49 -3.28 26.47
N LEU A 26 -33.49 -4.16 26.42
CA LEU A 26 -32.36 -3.93 25.53
C LEU A 26 -32.79 -3.97 24.07
N VAL A 27 -33.65 -4.93 23.70
CA VAL A 27 -34.14 -4.99 22.33
C VAL A 27 -34.95 -3.74 22.00
N THR A 28 -35.79 -3.29 22.94
CA THR A 28 -36.57 -2.07 22.72
C THR A 28 -35.66 -0.86 22.55
N LEU A 29 -34.60 -0.77 23.34
CA LEU A 29 -33.66 0.33 23.21
C LEU A 29 -32.97 0.30 21.85
N LEU A 30 -32.51 -0.88 21.42
CA LEU A 30 -31.79 -0.98 20.16
C LEU A 30 -32.69 -0.91 18.94
N ASN A 31 -34.02 -0.96 19.12
CA ASN A 31 -34.96 -0.84 18.01
C ASN A 31 -35.90 0.35 18.17
N ARG A 32 -35.50 1.36 18.93
CA ARG A 32 -36.33 2.55 19.09
C ARG A 32 -36.34 3.37 17.80
N PRO A 33 -37.36 4.21 17.60
CA PRO A 33 -37.38 5.04 16.38
C PRO A 33 -36.24 6.06 16.36
N THR A 34 -35.82 6.40 15.15
CA THR A 34 -34.81 7.43 14.92
C THR A 34 -34.99 7.96 13.51
N ASP A 35 -34.53 9.19 13.29
CA ASP A 35 -34.64 9.80 11.98
C ASP A 35 -33.70 9.11 10.98
N PRO A 36 -34.08 9.01 9.70
CA PRO A 36 -33.24 8.28 8.73
C PRO A 36 -32.28 9.14 7.90
N ALA A 37 -32.20 10.45 8.13
CA ALA A 37 -31.62 11.34 7.14
C ALA A 37 -30.10 11.16 7.03
N SER A 38 -29.41 11.17 8.18
CA SER A 38 -27.94 11.06 8.16
C SER A 38 -27.49 9.76 7.52
N LEU A 39 -28.20 8.66 7.81
CA LEU A 39 -27.88 7.38 7.21
C LEU A 39 -28.02 7.45 5.69
N ALA A 40 -29.05 8.14 5.20
CA ALA A 40 -29.23 8.27 3.76
C ALA A 40 -28.10 9.07 3.13
N VAL A 41 -27.68 10.16 3.78
CA VAL A 41 -26.59 10.96 3.22
C VAL A 41 -25.31 10.14 3.17
N PHE A 42 -25.02 9.38 4.23
CA PHE A 42 -23.82 8.54 4.23
C PHE A 42 -23.91 7.47 3.16
N ARG A 43 -25.09 6.89 2.96
CA ARG A 43 -25.28 5.94 1.87
C ARG A 43 -24.93 6.56 0.53
N PHE A 44 -25.45 7.76 0.26
CA PHE A 44 -25.20 8.40 -1.02
C PHE A 44 -23.71 8.66 -1.21
N LEU A 45 -23.04 9.19 -0.20
CA LEU A 45 -21.63 9.52 -0.34
C LEU A 45 -20.78 8.26 -0.50
N PHE A 46 -21.08 7.22 0.26
CA PHE A 46 -20.33 5.96 0.13
C PHE A 46 -20.51 5.37 -1.25
N GLY A 47 -21.74 5.35 -1.76
CA GLY A 47 -21.97 4.85 -3.10
C GLY A 47 -21.22 5.64 -4.15
N PHE A 48 -21.26 6.97 -4.07
CA PHE A 48 -20.56 7.79 -5.05
C PHE A 48 -19.07 7.56 -5.00
N LEU A 49 -18.50 7.46 -3.79
CA LEU A 49 -17.06 7.26 -3.67
C LEU A 49 -16.65 5.89 -4.21
N MET A 50 -17.42 4.84 -3.93
CA MET A 50 -17.07 3.54 -4.47
C MET A 50 -17.23 3.49 -5.99
N VAL A 51 -18.23 4.21 -6.53
CA VAL A 51 -18.36 4.32 -7.98
C VAL A 51 -17.11 4.94 -8.58
N LEU A 52 -16.61 6.02 -7.96
CA LEU A 52 -15.37 6.61 -8.47
C LEU A 52 -14.17 5.72 -8.23
N ASP A 53 -14.21 4.87 -7.21
CA ASP A 53 -13.05 4.09 -6.83
C ASP A 53 -12.88 2.83 -7.66
N ILE A 54 -13.97 2.26 -8.19
CA ILE A 54 -13.88 1.01 -8.94
C ILE A 54 -12.98 1.14 -10.17
N PRO A 55 -13.11 2.18 -11.01
CA PRO A 55 -12.24 2.27 -12.19
C PRO A 55 -10.82 2.75 -11.91
N GLN A 56 -10.46 3.06 -10.66
CA GLN A 56 -9.18 3.68 -10.35
C GLN A 56 -8.27 2.75 -9.55
N GLU A 57 -8.74 2.24 -8.40
CA GLU A 57 -7.91 1.44 -7.51
C GLU A 57 -8.19 -0.05 -7.60
N ARG A 58 -9.46 -0.44 -7.78
CA ARG A 58 -9.78 -1.86 -7.86
C ARG A 58 -9.12 -2.52 -9.06
N GLY A 59 -8.88 -1.76 -10.12
CA GLY A 59 -8.08 -2.23 -11.24
C GLY A 59 -8.88 -2.61 -12.47
N LEU A 60 -9.93 -1.87 -12.77
CA LEU A 60 -10.70 -2.14 -13.97
C LEU A 60 -9.97 -1.68 -15.22
N SER A 61 -9.23 -0.58 -15.14
CA SER A 61 -8.46 -0.12 -16.30
C SER A 61 -7.29 -1.04 -16.59
N SER A 62 -6.67 -1.59 -15.55
CA SER A 62 -5.52 -2.48 -15.69
C SER A 62 -5.90 -3.95 -15.77
N LEU A 63 -7.19 -4.28 -15.82
CA LEU A 63 -7.61 -5.67 -15.77
C LEU A 63 -7.22 -6.45 -17.02
N ASP A 64 -6.95 -5.76 -18.13
CA ASP A 64 -6.56 -6.44 -19.36
C ASP A 64 -5.09 -6.84 -19.38
N ARG A 65 -4.31 -6.45 -18.37
CA ARG A 65 -2.91 -6.83 -18.26
C ARG A 65 -2.58 -7.45 -16.90
N LYS A 66 -3.59 -7.87 -16.14
CA LYS A 66 -3.42 -8.55 -14.86
C LYS A 66 -3.96 -9.98 -14.86
N TYR A 67 -5.10 -10.20 -15.51
CA TYR A 67 -5.71 -11.52 -15.64
C TYR A 67 -5.74 -11.97 -17.09
N LEU A 68 -4.70 -11.62 -17.84
CA LEU A 68 -4.64 -11.93 -19.26
C LEU A 68 -4.62 -13.44 -19.48
N ASP A 69 -5.40 -13.89 -20.46
CA ASP A 69 -5.44 -15.32 -20.79
C ASP A 69 -4.13 -15.75 -21.43
N GLY A 70 -3.67 -16.94 -21.07
CA GLY A 70 -2.49 -17.54 -21.64
C GLY A 70 -1.19 -17.19 -20.95
N LEU A 71 -1.18 -16.18 -20.09
CA LEU A 71 0.04 -15.79 -19.38
C LEU A 71 0.24 -16.67 -18.17
N ASP A 72 1.49 -17.06 -17.94
CA ASP A 72 1.85 -17.90 -16.80
C ASP A 72 2.36 -17.00 -15.67
N VAL A 73 1.54 -16.87 -14.62
CA VAL A 73 1.87 -16.03 -13.47
C VAL A 73 1.59 -16.84 -12.21
N CYS A 74 2.22 -16.43 -11.12
CA CYS A 74 2.03 -17.04 -9.81
C CYS A 74 1.05 -16.19 -9.01
N ARG A 75 -0.07 -16.78 -8.62
CA ARG A 75 -1.10 -16.09 -7.87
C ARG A 75 -0.87 -16.29 -6.37
N PHE A 76 -1.45 -15.39 -5.58
CA PHE A 76 -1.39 -15.45 -4.12
C PHE A 76 -2.79 -15.30 -3.54
N PRO A 77 -3.65 -16.30 -3.73
CA PRO A 77 -4.99 -16.26 -3.12
C PRO A 77 -4.98 -16.81 -1.69
N LEU A 78 -5.98 -16.39 -0.93
CA LEU A 78 -6.09 -16.84 0.45
C LEU A 78 -6.30 -18.35 0.51
N LEU A 79 -7.16 -18.87 -0.35
CA LEU A 79 -7.41 -20.30 -0.47
C LEU A 79 -6.92 -20.76 -1.84
N ASP A 80 -6.18 -21.88 -1.85
CA ASP A 80 -5.64 -22.39 -3.11
C ASP A 80 -6.74 -22.83 -4.07
N ALA A 81 -7.94 -23.12 -3.57
CA ALA A 81 -9.02 -23.56 -4.45
C ALA A 81 -9.44 -22.45 -5.40
N LEU A 82 -9.53 -21.21 -4.91
CA LEU A 82 -9.95 -20.11 -5.75
C LEU A 82 -8.93 -19.87 -6.87
N ARG A 83 -9.44 -19.64 -8.07
CA ARG A 83 -8.64 -19.30 -9.23
C ARG A 83 -9.37 -18.22 -10.03
N PRO A 84 -8.64 -17.35 -10.72
CA PRO A 84 -9.33 -16.35 -11.55
C PRO A 84 -10.11 -16.99 -12.69
N LEU A 85 -11.20 -16.36 -13.06
CA LEU A 85 -11.95 -16.72 -14.25
C LEU A 85 -11.28 -16.11 -15.47
N PRO A 86 -11.73 -16.45 -16.68
CA PRO A 86 -11.22 -15.76 -17.87
C PRO A 86 -11.50 -14.25 -17.81
N LEU A 87 -10.86 -13.54 -18.74
CA LEU A 87 -10.86 -12.08 -18.68
C LEU A 87 -12.25 -11.50 -18.83
N ASP A 88 -13.04 -12.04 -19.76
CA ASP A 88 -14.34 -11.47 -20.05
C ASP A 88 -15.29 -11.61 -18.86
N TRP A 89 -15.27 -12.76 -18.20
CA TRP A 89 -16.11 -12.95 -17.03
C TRP A 89 -15.67 -12.04 -15.89
N MET A 90 -14.38 -11.75 -15.79
CA MET A 90 -13.91 -10.78 -14.80
C MET A 90 -14.45 -9.39 -15.10
N TYR A 91 -14.46 -9.00 -16.37
CA TYR A 91 -15.05 -7.72 -16.72
C TYR A 91 -16.54 -7.69 -16.39
N LEU A 92 -17.23 -8.82 -16.59
CA LEU A 92 -18.63 -8.90 -16.20
C LEU A 92 -18.80 -8.73 -14.69
N VAL A 93 -17.90 -9.33 -13.92
CA VAL A 93 -17.96 -9.20 -12.46
C VAL A 93 -17.79 -7.75 -12.05
N TYR A 94 -16.83 -7.05 -12.66
CA TYR A 94 -16.65 -5.64 -12.34
C TYR A 94 -17.84 -4.79 -12.79
N THR A 95 -18.48 -5.17 -13.90
CA THR A 95 -19.69 -4.47 -14.31
C THR A 95 -20.79 -4.62 -13.27
N ILE A 96 -20.95 -5.83 -12.72
CA ILE A 96 -21.93 -6.03 -11.66
C ILE A 96 -21.58 -5.22 -10.43
N MET A 97 -20.28 -5.09 -10.12
CA MET A 97 -19.86 -4.22 -9.03
C MET A 97 -20.30 -2.78 -9.27
N PHE A 98 -20.08 -2.28 -10.48
CA PHE A 98 -20.45 -0.90 -10.80
C PHE A 98 -21.96 -0.70 -10.68
N LEU A 99 -22.74 -1.66 -11.18
CA LEU A 99 -24.19 -1.55 -11.09
C LEU A 99 -24.65 -1.56 -9.64
N GLY A 100 -24.05 -2.42 -8.81
CA GLY A 100 -24.41 -2.43 -7.40
C GLY A 100 -24.07 -1.14 -6.70
N ALA A 101 -22.92 -0.56 -7.02
CA ALA A 101 -22.55 0.72 -6.42
C ALA A 101 -23.53 1.81 -6.82
N LEU A 102 -23.92 1.86 -8.10
CA LEU A 102 -24.92 2.84 -8.53
C LEU A 102 -26.24 2.64 -7.79
N GLY A 103 -26.67 1.39 -7.65
CA GLY A 103 -27.91 1.11 -6.94
C GLY A 103 -27.86 1.57 -5.49
N MET A 104 -26.72 1.34 -4.83
CA MET A 104 -26.57 1.84 -3.46
C MET A 104 -26.61 3.36 -3.43
N MET A 105 -26.00 4.01 -4.42
CA MET A 105 -25.98 5.47 -4.46
C MET A 105 -27.39 6.03 -4.59
N LEU A 106 -28.17 5.51 -5.53
CA LEU A 106 -29.51 6.01 -5.78
C LEU A 106 -30.58 5.34 -4.93
N GLY A 107 -30.23 4.30 -4.19
CA GLY A 107 -31.22 3.62 -3.36
C GLY A 107 -32.33 2.95 -4.13
N LEU A 108 -31.99 2.34 -5.27
CA LEU A 108 -32.95 1.65 -6.14
C LEU A 108 -32.69 0.15 -6.01
N CYS A 109 -33.68 -0.57 -5.48
CA CYS A 109 -33.54 -2.00 -5.19
C CYS A 109 -32.35 -2.23 -4.26
N TYR A 110 -32.48 -1.67 -3.05
CA TYR A 110 -31.32 -1.47 -2.18
C TYR A 110 -30.67 -2.79 -1.79
N ARG A 111 -31.46 -3.77 -1.36
CA ARG A 111 -30.86 -5.02 -0.88
C ARG A 111 -30.17 -5.78 -2.01
N ILE A 112 -30.79 -5.84 -3.18
CA ILE A 112 -30.18 -6.52 -4.32
C ILE A 112 -28.89 -5.82 -4.73
N SER A 113 -28.92 -4.49 -4.77
CA SER A 113 -27.72 -3.74 -5.14
C SER A 113 -26.61 -3.96 -4.12
N CYS A 114 -26.95 -3.98 -2.83
CA CYS A 114 -25.95 -4.21 -1.79
C CYS A 114 -25.33 -5.60 -1.93
N VAL A 115 -26.14 -6.62 -2.21
CA VAL A 115 -25.60 -7.96 -2.39
C VAL A 115 -24.71 -8.03 -3.63
N LEU A 116 -25.15 -7.40 -4.72
CA LEU A 116 -24.37 -7.41 -5.96
C LEU A 116 -23.06 -6.67 -5.80
N PHE A 117 -23.00 -5.68 -4.92
CA PHE A 117 -21.72 -5.05 -4.61
C PHE A 117 -20.88 -5.92 -3.67
N LEU A 118 -21.52 -6.57 -2.71
CA LEU A 118 -20.78 -7.24 -1.64
C LEU A 118 -20.07 -8.49 -2.15
N LEU A 119 -20.79 -9.36 -2.89
CA LEU A 119 -20.22 -10.66 -3.21
C LEU A 119 -19.06 -10.55 -4.19
N PRO A 120 -19.18 -9.85 -5.32
CA PRO A 120 -18.01 -9.60 -6.17
C PRO A 120 -16.85 -8.94 -5.47
N TYR A 121 -17.11 -7.98 -4.59
CA TYR A 121 -16.01 -7.27 -3.92
C TYR A 121 -15.17 -8.24 -3.11
N TRP A 122 -15.81 -9.13 -2.36
CA TRP A 122 -15.04 -10.06 -1.55
C TRP A 122 -14.44 -11.17 -2.40
N TYR A 123 -15.07 -11.54 -3.52
CA TYR A 123 -14.42 -12.46 -4.45
C TYR A 123 -13.09 -11.89 -4.94
N VAL A 124 -13.10 -10.62 -5.36
CA VAL A 124 -11.86 -9.99 -5.82
C VAL A 124 -10.88 -9.85 -4.67
N PHE A 125 -11.37 -9.48 -3.48
CA PHE A 125 -10.51 -9.24 -2.34
C PHE A 125 -9.76 -10.50 -1.92
N LEU A 126 -10.45 -11.64 -1.87
CA LEU A 126 -9.81 -12.88 -1.48
C LEU A 126 -8.93 -13.47 -2.57
N LEU A 127 -9.06 -13.01 -3.81
CA LEU A 127 -8.32 -13.60 -4.91
C LEU A 127 -6.84 -13.24 -4.89
N ASP A 128 -6.44 -12.20 -4.15
CA ASP A 128 -5.05 -11.77 -4.13
C ASP A 128 -4.76 -11.10 -2.79
N LYS A 129 -3.79 -11.63 -2.05
CA LYS A 129 -3.39 -11.08 -0.77
C LYS A 129 -2.44 -9.91 -0.88
N THR A 130 -1.86 -9.66 -2.06
CA THR A 130 -0.93 -8.57 -2.23
C THR A 130 -1.61 -7.22 -2.42
N SER A 131 -2.92 -7.21 -2.66
CA SER A 131 -3.70 -5.98 -2.82
C SER A 131 -4.52 -5.67 -1.58
N TRP A 132 -4.12 -6.20 -0.42
CA TRP A 132 -4.85 -5.97 0.82
C TRP A 132 -4.32 -4.73 1.51
N ASN A 133 -5.24 -3.87 1.93
CA ASN A 133 -4.92 -2.70 2.74
C ASN A 133 -6.12 -2.40 3.61
N ASN A 134 -5.88 -1.59 4.65
CA ASN A 134 -6.93 -1.34 5.63
C ASN A 134 -8.13 -0.64 5.01
N HIS A 135 -7.89 0.30 4.10
CA HIS A 135 -9.01 1.04 3.53
C HIS A 135 -9.86 0.20 2.59
N SER A 136 -9.40 -0.97 2.16
CA SER A 136 -10.23 -1.88 1.39
C SER A 136 -11.06 -2.79 2.29
N TYR A 137 -10.44 -3.28 3.37
CA TYR A 137 -11.19 -4.05 4.36
C TYR A 137 -12.30 -3.21 4.97
N LEU A 138 -12.03 -1.92 5.21
CA LEU A 138 -13.07 -1.06 5.77
C LEU A 138 -14.23 -0.90 4.80
N TYR A 139 -13.94 -0.74 3.50
CA TYR A 139 -15.03 -0.64 2.53
C TYR A 139 -15.84 -1.92 2.49
N GLY A 140 -15.17 -3.07 2.52
CA GLY A 140 -15.89 -4.33 2.55
C GLY A 140 -16.78 -4.47 3.77
N LEU A 141 -16.27 -4.08 4.94
CA LEU A 141 -17.06 -4.16 6.15
C LEU A 141 -18.26 -3.22 6.11
N LEU A 142 -18.07 -2.00 5.59
CA LEU A 142 -19.18 -1.07 5.49
C LEU A 142 -20.25 -1.59 4.53
N ALA A 143 -19.83 -2.16 3.41
CA ALA A 143 -20.80 -2.76 2.48
C ALA A 143 -21.53 -3.92 3.13
N PHE A 144 -20.82 -4.72 3.93
CA PHE A 144 -21.48 -5.81 4.64
C PHE A 144 -22.50 -5.29 5.63
N GLN A 145 -22.17 -4.24 6.37
CA GLN A 145 -23.10 -3.67 7.35
C GLN A 145 -24.32 -3.10 6.67
N LEU A 146 -24.13 -2.29 5.61
CA LEU A 146 -25.23 -1.58 4.98
C LEU A 146 -26.23 -2.50 4.29
N THR A 147 -25.88 -3.77 4.07
CA THR A 147 -26.82 -4.70 3.46
C THR A 147 -28.05 -4.91 4.32
N PHE A 148 -27.92 -4.79 5.64
CA PHE A 148 -29.00 -5.07 6.57
C PHE A 148 -29.72 -3.82 7.06
N MET A 149 -29.06 -2.66 7.02
CA MET A 149 -29.65 -1.43 7.54
C MET A 149 -30.67 -0.87 6.56
N ASP A 150 -31.75 -0.31 7.10
CA ASP A 150 -32.81 0.30 6.29
C ASP A 150 -32.42 1.73 5.97
N ALA A 151 -31.47 1.86 5.04
CA ALA A 151 -30.90 3.15 4.67
C ALA A 151 -31.59 3.78 3.47
N ASN A 152 -32.64 3.17 2.92
CA ASN A 152 -33.35 3.70 1.77
C ASN A 152 -34.66 4.38 2.15
N HIS A 153 -34.87 4.68 3.43
CA HIS A 153 -36.13 5.24 3.88
C HIS A 153 -36.27 6.73 3.60
N TYR A 154 -35.19 7.44 3.28
CA TYR A 154 -35.23 8.87 3.05
C TYR A 154 -34.27 9.25 1.93
N TRP A 155 -34.76 10.06 0.99
CA TRP A 155 -33.98 10.49 -0.16
C TRP A 155 -33.49 9.28 -0.96
N SER A 156 -34.45 8.51 -1.45
CA SER A 156 -34.16 7.32 -2.23
C SER A 156 -35.21 7.15 -3.32
N VAL A 157 -34.80 6.58 -4.44
CA VAL A 157 -35.73 6.29 -5.52
C VAL A 157 -36.73 5.21 -5.09
N ASP A 158 -36.28 4.24 -4.28
CA ASP A 158 -37.18 3.21 -3.80
C ASP A 158 -38.32 3.80 -2.97
N GLY A 159 -38.08 4.93 -2.31
CA GLY A 159 -39.17 5.60 -1.62
C GLY A 159 -40.25 6.07 -2.55
N LEU A 160 -39.87 6.63 -3.70
CA LEU A 160 -40.87 7.09 -4.67
C LEU A 160 -41.66 5.92 -5.24
N LEU A 161 -41.05 4.75 -5.39
CA LEU A 161 -41.72 3.58 -5.93
C LEU A 161 -42.47 2.78 -4.89
N ASN A 162 -42.41 3.17 -3.61
CA ASN A 162 -43.13 2.46 -2.56
C ASN A 162 -43.43 3.44 -1.43
N ALA A 163 -44.72 3.68 -1.19
CA ALA A 163 -45.12 4.67 -0.20
C ALA A 163 -44.69 4.26 1.20
N HIS A 164 -44.71 2.96 1.50
CA HIS A 164 -44.41 2.48 2.84
C HIS A 164 -42.98 2.81 3.28
N ARG A 165 -42.06 3.00 2.33
CA ARG A 165 -40.65 3.24 2.63
C ARG A 165 -40.21 4.64 2.24
N ARG A 166 -41.10 5.62 2.37
CA ARG A 166 -40.84 7.01 2.01
C ARG A 166 -40.86 7.85 3.28
N ASN A 167 -39.68 8.27 3.74
CA ASN A 167 -39.55 9.12 4.93
C ASN A 167 -40.14 8.43 6.15
N ALA A 168 -39.56 7.27 6.48
CA ALA A 168 -40.01 6.42 7.57
C ALA A 168 -38.91 6.27 8.61
N HIS A 169 -39.29 5.75 9.78
CA HIS A 169 -38.35 5.57 10.87
C HIS A 169 -37.42 4.39 10.59
N VAL A 170 -36.30 4.38 11.31
CA VAL A 170 -35.34 3.27 11.26
C VAL A 170 -34.91 2.93 12.68
N PRO A 171 -34.54 1.68 12.92
CA PRO A 171 -34.06 1.31 14.26
C PRO A 171 -32.73 1.96 14.58
N LEU A 172 -32.47 2.12 15.88
CA LEU A 172 -31.28 2.83 16.33
C LEU A 172 -30.00 2.04 16.11
N TRP A 173 -30.06 0.71 16.04
CA TRP A 173 -28.82 -0.05 15.92
C TRP A 173 -28.12 0.18 14.59
N ASN A 174 -28.83 0.69 13.59
CA ASN A 174 -28.18 1.06 12.34
C ASN A 174 -27.11 2.11 12.57
N TYR A 175 -27.43 3.16 13.35
CA TYR A 175 -26.44 4.17 13.66
C TYR A 175 -25.38 3.63 14.62
N ALA A 176 -25.80 2.78 15.56
CA ALA A 176 -24.89 2.29 16.59
C ALA A 176 -23.76 1.45 15.97
N VAL A 177 -24.09 0.60 15.00
CA VAL A 177 -23.07 -0.25 14.39
C VAL A 177 -22.03 0.58 13.67
N LEU A 178 -22.48 1.57 12.90
CA LEU A 178 -21.53 2.42 12.16
C LEU A 178 -20.67 3.25 13.11
N ARG A 179 -21.29 3.82 14.15
CA ARG A 179 -20.52 4.59 15.12
C ARG A 179 -19.49 3.72 15.81
N GLY A 180 -19.88 2.50 16.19
CA GLY A 180 -18.93 1.58 16.80
C GLY A 180 -17.80 1.20 15.86
N GLN A 181 -18.12 1.03 14.57
CA GLN A 181 -17.07 0.69 13.61
C GLN A 181 -16.04 1.81 13.51
N ILE A 182 -16.50 3.06 13.37
CA ILE A 182 -15.55 4.17 13.25
C ILE A 182 -14.76 4.33 14.54
N PHE A 183 -15.43 4.17 15.69
CA PHE A 183 -14.74 4.26 16.97
C PHE A 183 -13.67 3.17 17.11
N ILE A 184 -14.00 1.95 16.68
CA ILE A 184 -13.03 0.86 16.75
C ILE A 184 -11.85 1.16 15.85
N VAL A 185 -12.10 1.70 14.67
CA VAL A 185 -11.00 2.05 13.76
C VAL A 185 -10.06 3.03 14.44
N TYR A 186 -10.60 4.14 14.95
CA TYR A 186 -9.75 5.16 15.57
C TYR A 186 -9.02 4.61 16.79
N PHE A 187 -9.73 3.92 17.68
CA PHE A 187 -9.14 3.50 18.94
C PHE A 187 -8.08 2.41 18.72
N ILE A 188 -8.36 1.44 17.84
CA ILE A 188 -7.38 0.38 17.61
C ILE A 188 -6.17 0.94 16.87
N ALA A 189 -6.38 1.91 15.97
CA ALA A 189 -5.24 2.56 15.35
C ALA A 189 -4.39 3.28 16.40
N GLY A 190 -5.04 3.93 17.37
CA GLY A 190 -4.31 4.61 18.41
C GLY A 190 -3.52 3.66 19.28
N VAL A 191 -4.14 2.57 19.74
CA VAL A 191 -3.46 1.66 20.66
C VAL A 191 -2.37 0.89 19.94
N LYS A 192 -2.58 0.55 18.66
CA LYS A 192 -1.53 -0.10 17.89
C LYS A 192 -0.30 0.79 17.73
N LYS A 193 -0.50 2.11 17.74
CA LYS A 193 0.59 3.06 17.59
C LYS A 193 1.33 3.34 18.90
N LEU A 194 0.99 2.66 19.99
CA LEU A 194 1.78 2.72 21.23
C LEU A 194 2.92 1.71 21.16
N ASP A 195 3.76 1.88 20.15
CA ASP A 195 4.91 1.03 19.90
C ASP A 195 6.18 1.87 20.01
N ALA A 196 7.30 1.19 20.28
CA ALA A 196 8.56 1.90 20.47
C ALA A 196 9.03 2.62 19.22
N ASP A 197 8.59 2.20 18.03
CA ASP A 197 9.03 2.80 16.78
C ASP A 197 8.14 3.94 16.31
N TRP A 198 7.03 4.20 16.99
CA TRP A 198 6.18 5.37 16.71
C TRP A 198 6.34 6.47 17.74
N VAL A 199 6.51 6.12 19.01
CA VAL A 199 6.69 7.14 20.04
C VAL A 199 8.11 7.69 20.08
N GLU A 200 9.07 7.04 19.42
CA GLU A 200 10.45 7.48 19.39
C GLU A 200 10.85 8.18 18.09
N GLY A 201 9.95 8.26 17.12
CA GLY A 201 10.20 9.07 15.94
C GLY A 201 10.78 8.36 14.74
N TYR A 202 10.76 7.02 14.72
CA TYR A 202 11.40 6.28 13.64
C TYR A 202 10.48 6.08 12.45
N SER A 203 9.26 5.62 12.68
CA SER A 203 8.32 5.47 11.58
C SER A 203 7.89 6.83 11.07
N MET A 204 7.85 6.99 9.76
CA MET A 204 7.55 8.27 9.12
C MET A 204 8.50 9.37 9.59
N GLU A 205 9.80 9.07 9.58
CA GLU A 205 10.79 10.04 10.00
C GLU A 205 11.04 11.12 8.97
N TYR A 206 10.68 10.89 7.71
CA TYR A 206 10.99 11.81 6.62
C TYR A 206 9.75 12.51 6.07
N LEU A 207 8.62 12.45 6.78
CA LEU A 207 7.40 13.11 6.33
C LEU A 207 7.28 14.55 6.82
N SER A 208 8.20 15.00 7.66
CA SER A 208 8.14 16.37 8.18
C SER A 208 8.73 17.39 7.23
N ARG A 209 9.28 16.97 6.08
CA ARG A 209 9.85 17.88 5.10
C ARG A 209 8.82 18.36 4.09
N HIS A 210 7.60 17.83 4.11
CA HIS A 210 6.56 18.29 3.21
C HIS A 210 6.19 19.73 3.50
N TRP A 211 5.86 20.47 2.44
CA TRP A 211 5.57 21.89 2.59
C TRP A 211 4.32 22.16 3.41
N LEU A 212 3.44 21.17 3.59
CA LEU A 212 2.24 21.38 4.38
C LEU A 212 2.58 21.65 5.84
N PHE A 213 3.72 21.15 6.33
CA PHE A 213 4.19 21.41 7.67
C PHE A 213 5.01 22.69 7.77
N SER A 214 5.06 23.50 6.71
CA SER A 214 5.84 24.73 6.73
C SER A 214 5.51 25.68 7.88
N PRO A 215 4.24 25.98 8.21
CA PRO A 215 4.02 26.93 9.32
C PRO A 215 4.55 26.45 10.65
N PHE A 216 4.49 25.15 10.93
CA PHE A 216 4.98 24.64 12.21
C PHE A 216 6.46 24.91 12.38
N LYS A 217 7.21 24.98 11.29
CA LYS A 217 8.64 25.25 11.38
C LYS A 217 8.95 26.67 11.82
N LEU A 218 7.97 27.58 11.82
CA LEU A 218 8.23 28.93 12.32
C LEU A 218 8.51 28.92 13.82
N LEU A 219 7.92 27.97 14.56
CA LEU A 219 8.05 27.91 16.01
C LEU A 219 8.83 26.71 16.51
N LEU A 220 9.06 25.69 15.68
CA LEU A 220 9.72 24.46 16.10
C LEU A 220 10.79 24.08 15.09
N SER A 221 11.83 23.42 15.58
CA SER A 221 12.87 22.87 14.72
C SER A 221 12.33 21.63 13.99
N GLU A 222 13.07 21.22 12.95
CA GLU A 222 12.65 20.07 12.16
C GLU A 222 12.61 18.80 12.99
N GLU A 223 13.61 18.60 13.86
CA GLU A 223 13.64 17.40 14.69
C GLU A 223 12.45 17.34 15.63
N LEU A 224 12.09 18.47 16.24
CA LEU A 224 10.93 18.48 17.12
C LEU A 224 9.61 18.45 16.35
N THR A 225 9.58 19.06 15.17
CA THR A 225 8.35 19.05 14.36
C THR A 225 8.01 17.64 13.91
N SER A 226 9.01 16.78 13.73
CA SER A 226 8.78 15.40 13.30
C SER A 226 8.41 14.48 14.45
N LEU A 227 8.39 14.96 15.69
CA LEU A 227 8.08 14.15 16.86
C LEU A 227 6.81 14.61 17.55
N LEU A 228 6.70 15.90 17.86
CA LEU A 228 5.51 16.37 18.56
C LEU A 228 4.28 16.38 17.65
N VAL A 229 4.45 16.83 16.42
CA VAL A 229 3.32 17.04 15.52
C VAL A 229 3.00 15.79 14.71
N VAL A 230 4.00 15.23 14.04
CA VAL A 230 3.74 14.12 13.12
C VAL A 230 3.38 12.86 13.89
N HIS A 231 4.12 12.55 14.95
CA HIS A 231 3.99 11.27 15.63
C HIS A 231 3.02 11.34 16.81
N TRP A 232 3.31 12.19 17.79
CA TRP A 232 2.45 12.27 18.98
C TRP A 232 1.09 12.83 18.63
N GLY A 233 1.04 13.80 17.71
CA GLY A 233 -0.22 14.35 17.28
C GLY A 233 -1.14 13.30 16.69
N GLY A 234 -0.58 12.38 15.90
CA GLY A 234 -1.40 11.33 15.32
C GLY A 234 -2.02 10.43 16.38
N LEU A 235 -1.23 10.02 17.36
CA LEU A 235 -1.73 9.16 18.43
C LEU A 235 -2.83 9.86 19.22
N LEU A 236 -2.57 11.10 19.64
CA LEU A 236 -3.55 11.85 20.41
C LEU A 236 -4.81 12.08 19.60
N LEU A 237 -4.67 12.39 18.32
CA LEU A 237 -5.85 12.62 17.50
C LEU A 237 -6.64 11.35 17.30
N ASP A 238 -5.96 10.21 17.15
CA ASP A 238 -6.69 8.96 16.99
C ASP A 238 -7.55 8.67 18.22
N LEU A 239 -6.93 8.70 19.41
CA LEU A 239 -7.70 8.38 20.61
C LEU A 239 -8.79 9.43 20.87
N SER A 240 -8.45 10.71 20.76
CA SER A 240 -9.41 11.76 21.06
C SER A 240 -10.55 11.77 20.04
N ALA A 241 -10.25 11.61 18.75
CA ALA A 241 -11.30 11.53 17.76
C ALA A 241 -12.16 10.30 17.96
N GLY A 242 -11.60 9.26 18.57
CA GLY A 242 -12.45 8.19 19.06
C GLY A 242 -13.45 8.70 20.07
N PHE A 243 -12.98 9.50 21.05
CA PHE A 243 -13.86 9.88 22.16
C PHE A 243 -14.60 11.20 21.96
N LEU A 244 -13.97 12.20 21.32
CA LEU A 244 -14.51 13.55 21.32
C LEU A 244 -15.84 13.65 20.60
N LEU A 245 -15.96 12.99 19.43
CA LEU A 245 -17.13 13.20 18.58
C LEU A 245 -18.41 12.71 19.24
N PHE A 246 -18.31 11.74 20.15
CA PHE A 246 -19.52 11.16 20.74
C PHE A 246 -20.27 12.17 21.61
N PHE A 247 -19.54 12.91 22.44
CA PHE A 247 -20.18 13.83 23.37
C PHE A 247 -20.48 15.17 22.70
N ASP A 248 -21.57 15.80 23.15
CA ASP A 248 -22.02 17.04 22.54
C ASP A 248 -21.05 18.19 22.78
N VAL A 249 -20.37 18.20 23.92
CA VAL A 249 -19.50 19.32 24.27
C VAL A 249 -18.32 19.40 23.29
N SER A 250 -17.75 18.25 22.94
CA SER A 250 -16.49 18.18 22.22
C SER A 250 -16.64 17.95 20.72
N ARG A 251 -17.86 18.01 20.17
CA ARG A 251 -18.05 17.59 18.79
C ARG A 251 -17.47 18.60 17.81
N SER A 252 -17.56 19.89 18.10
CA SER A 252 -17.07 20.90 17.15
C SER A 252 -15.55 20.82 16.99
N ILE A 253 -14.83 20.84 18.11
CA ILE A 253 -13.37 20.76 18.06
C ILE A 253 -12.94 19.45 17.44
N GLY A 254 -13.63 18.36 17.80
CA GLY A 254 -13.32 17.07 17.20
C GLY A 254 -13.49 17.08 15.70
N LEU A 255 -14.58 17.66 15.21
CA LEU A 255 -14.80 17.72 13.77
C LEU A 255 -13.71 18.54 13.09
N PHE A 256 -13.32 19.66 13.68
CA PHE A 256 -12.28 20.49 13.09
C PHE A 256 -10.96 19.72 12.98
N PHE A 257 -10.50 19.16 14.10
CA PHE A 257 -9.23 18.44 14.09
C PHE A 257 -9.28 17.24 13.17
N VAL A 258 -10.38 16.48 13.19
CA VAL A 258 -10.47 15.28 12.36
C VAL A 258 -10.47 15.66 10.88
N SER A 259 -11.17 16.72 10.51
CA SER A 259 -11.19 17.13 9.11
C SER A 259 -9.81 17.59 8.66
N TYR A 260 -9.12 18.36 9.50
CA TYR A 260 -7.76 18.78 9.15
C TYR A 260 -6.84 17.58 9.00
N PHE A 261 -6.96 16.62 9.91
CA PHE A 261 -6.18 15.39 9.86
C PHE A 261 -6.41 14.65 8.55
N HIS A 262 -7.68 14.49 8.16
CA HIS A 262 -8.00 13.73 6.97
C HIS A 262 -7.56 14.45 5.70
N CYS A 263 -7.71 15.77 5.64
CA CYS A 263 -7.23 16.51 4.48
C CYS A 263 -5.72 16.42 4.34
N MET A 264 -4.99 16.55 5.45
CA MET A 264 -3.54 16.43 5.38
C MET A 264 -3.13 15.02 4.97
N ASN A 265 -3.83 14.00 5.47
CA ASN A 265 -3.52 12.64 5.04
C ASN A 265 -3.81 12.45 3.56
N SER A 266 -4.88 13.08 3.05
CA SER A 266 -5.20 12.97 1.64
C SER A 266 -4.09 13.57 0.79
N GLN A 267 -3.55 14.72 1.19
CA GLN A 267 -2.52 15.36 0.38
C GLN A 267 -1.17 14.67 0.52
N LEU A 268 -0.84 14.18 1.72
CA LEU A 268 0.51 13.65 1.95
C LEU A 268 0.70 12.31 1.27
N PHE A 269 -0.27 11.41 1.37
CA PHE A 269 -0.16 10.03 0.90
C PHE A 269 -0.98 9.83 -0.37
N SER A 270 -0.89 8.62 -0.91
CA SER A 270 -1.65 8.18 -2.08
C SER A 270 -2.58 7.04 -1.70
N ILE A 271 -3.22 7.16 -0.54
CA ILE A 271 -4.08 6.09 -0.04
C ILE A 271 -5.28 5.90 -0.96
N GLY A 272 -5.82 6.98 -1.50
CA GLY A 272 -6.94 6.93 -2.42
C GLY A 272 -8.17 7.63 -1.91
N MET A 273 -9.27 6.89 -1.74
CA MET A 273 -10.54 7.44 -1.29
C MET A 273 -10.77 7.28 0.20
N PHE A 274 -9.77 6.80 0.95
CA PHE A 274 -9.95 6.53 2.37
C PHE A 274 -10.27 7.80 3.14
N SER A 275 -9.53 8.86 2.86
CA SER A 275 -9.73 10.12 3.59
C SER A 275 -11.13 10.68 3.34
N TYR A 276 -11.60 10.60 2.11
CA TYR A 276 -12.92 11.15 1.79
C TYR A 276 -14.02 10.32 2.45
N VAL A 277 -13.87 8.99 2.48
CA VAL A 277 -14.84 8.15 3.17
C VAL A 277 -14.87 8.47 4.65
N MET A 278 -13.71 8.68 5.27
CA MET A 278 -13.68 9.04 6.67
C MET A 278 -14.33 10.39 6.92
N LEU A 279 -14.09 11.36 6.02
CA LEU A 279 -14.74 12.65 6.15
C LEU A 279 -16.26 12.51 6.05
N ALA A 280 -16.74 11.67 5.13
CA ALA A 280 -18.17 11.43 5.02
C ALA A 280 -18.72 10.74 6.26
N SER A 281 -17.91 9.88 6.90
CA SER A 281 -18.35 9.16 8.08
C SER A 281 -18.39 10.04 9.32
N SER A 282 -17.55 11.08 9.37
CA SER A 282 -17.49 11.94 10.55
C SER A 282 -18.83 12.58 10.92
N PRO A 283 -19.62 13.12 9.99
CA PRO A 283 -20.93 13.68 10.37
C PRO A 283 -21.90 12.68 10.98
N LEU A 284 -21.66 11.37 10.86
CA LEU A 284 -22.61 10.38 11.38
C LEU A 284 -22.80 10.48 12.88
N PHE A 285 -21.83 11.04 13.61
CA PHE A 285 -21.96 11.22 15.05
C PHE A 285 -22.85 12.39 15.43
N CYS A 286 -23.25 13.24 14.48
CA CYS A 286 -24.12 14.36 14.78
C CYS A 286 -25.54 13.85 15.07
N SER A 287 -26.44 14.79 15.31
CA SER A 287 -27.83 14.43 15.54
C SER A 287 -28.39 13.77 14.28
N PRO A 288 -29.27 12.76 14.39
CA PRO A 288 -29.71 12.06 13.18
C PRO A 288 -30.57 12.88 12.22
N GLU A 289 -30.90 14.13 12.54
CA GLU A 289 -31.82 14.94 11.74
C GLU A 289 -31.17 16.20 11.18
N TRP A 290 -29.84 16.24 11.07
CA TRP A 290 -29.21 17.44 10.54
C TRP A 290 -29.59 17.77 9.09
N PRO A 291 -29.68 16.81 8.15
CA PRO A 291 -30.07 17.22 6.79
C PRO A 291 -31.47 17.81 6.72
N ARG A 292 -32.38 17.35 7.57
CA ARG A 292 -33.74 17.87 7.55
C ARG A 292 -33.77 19.35 7.95
N LYS A 293 -33.08 19.70 9.04
CA LYS A 293 -33.05 21.10 9.44
C LYS A 293 -32.28 21.94 8.42
N LEU A 294 -31.24 21.35 7.81
CA LEU A 294 -30.53 22.08 6.75
C LEU A 294 -31.47 22.38 5.58
N VAL A 295 -32.29 21.41 5.19
CA VAL A 295 -33.25 21.64 4.11
C VAL A 295 -34.28 22.69 4.52
N SER A 296 -34.66 22.70 5.80
CA SER A 296 -35.60 23.71 6.27
C SER A 296 -35.03 25.11 6.12
N TYR A 297 -33.74 25.28 6.42
CA TYR A 297 -33.08 26.59 6.35
C TYR A 297 -32.64 26.90 4.92
N CYS A 298 -33.61 26.97 4.02
CA CYS A 298 -33.36 27.29 2.62
C CYS A 298 -34.56 28.05 2.08
N PRO A 299 -34.41 28.75 0.96
CA PRO A 299 -35.57 29.37 0.33
C PRO A 299 -36.53 28.33 -0.20
N ARG A 300 -37.77 28.77 -0.43
CA ARG A 300 -38.81 27.85 -0.89
C ARG A 300 -38.48 27.27 -2.26
N ARG A 301 -37.76 28.02 -3.10
CA ARG A 301 -37.39 27.51 -4.42
C ARG A 301 -36.53 26.25 -4.31
N LEU A 302 -35.55 26.26 -3.40
CA LEU A 302 -34.73 25.06 -3.20
C LEU A 302 -35.55 23.92 -2.62
N GLN A 303 -36.49 24.24 -1.72
CA GLN A 303 -37.29 23.19 -1.09
C GLN A 303 -38.13 22.42 -2.09
N GLN A 304 -38.43 23.00 -3.25
CA GLN A 304 -39.17 22.29 -4.28
C GLN A 304 -38.35 21.21 -4.97
N LEU A 305 -37.03 21.17 -4.74
CA LEU A 305 -36.15 20.18 -5.33
C LEU A 305 -35.48 19.27 -4.30
N LEU A 306 -35.20 19.76 -3.10
CA LEU A 306 -34.54 18.97 -2.08
C LEU A 306 -35.53 17.99 -1.45
N PRO A 307 -35.04 17.01 -0.69
CA PRO A 307 -35.94 16.04 -0.06
C PRO A 307 -36.94 16.69 0.88
N LEU A 308 -37.88 15.87 1.33
CA LEU A 308 -38.98 16.34 2.17
C LEU A 308 -38.46 16.84 3.52
N LYS A 309 -39.23 17.76 4.12
CA LYS A 309 -38.92 18.33 5.43
C LYS A 309 -39.92 17.92 6.50
N ALA A 310 -41.00 17.22 6.15
CA ALA A 310 -41.99 16.83 7.14
C ALA A 310 -41.43 15.76 8.07
N ALA A 311 -42.12 15.56 9.19
CA ALA A 311 -41.67 14.58 10.16
C ALA A 311 -41.85 13.17 9.61
N PRO A 312 -40.98 12.23 9.97
CA PRO A 312 -41.10 10.87 9.43
C PRO A 312 -42.33 10.16 9.96
N GLN A 313 -42.80 9.18 9.18
CA GLN A 313 -43.99 8.42 9.51
C GLN A 313 -43.63 7.18 10.31
N PRO A 314 -44.60 6.54 10.98
CA PRO A 314 -44.32 5.27 11.65
C PRO A 314 -43.91 4.19 10.66
N SER A 315 -43.04 3.31 11.12
CA SER A 315 -42.54 2.17 10.35
C SER A 315 -42.92 0.87 11.06
N VAL A 316 -42.57 -0.25 10.43
CA VAL A 316 -42.85 -1.58 10.96
C VAL A 316 -41.62 -2.25 11.54
N SER A 317 -40.42 -1.68 11.37
CA SER A 317 -39.18 -2.26 11.84
C SER A 317 -38.69 -1.60 13.13
N CYS A 318 -39.62 -1.14 13.97
CA CYS A 318 -39.28 -0.49 15.23
C CYS A 318 -40.26 -0.92 16.31
N VAL A 319 -39.81 -0.83 17.56
CA VAL A 319 -40.63 -1.15 18.73
C VAL A 319 -41.10 0.17 19.33
N TYR A 320 -42.41 0.33 19.45
CA TYR A 320 -43.03 1.57 19.92
C TYR A 320 -43.54 1.39 21.33
N LYS A 321 -43.16 2.32 22.22
CA LYS A 321 -43.62 2.32 23.59
C LYS A 321 -44.97 3.04 23.68
N ARG A 322 -45.88 2.46 24.44
CA ARG A 322 -47.22 3.03 24.64
C ARG A 322 -47.52 3.18 26.13
N GLY A 328 -47.74 -1.70 25.73
CA GLY A 328 -46.50 -1.84 24.99
C GLY A 328 -46.61 -2.81 23.84
N GLN A 329 -45.54 -2.90 23.04
CA GLN A 329 -45.47 -3.77 21.88
C GLN A 329 -44.47 -4.89 22.15
N LYS A 330 -44.90 -6.13 21.94
CA LYS A 330 -44.01 -7.26 22.13
C LYS A 330 -43.02 -7.32 20.97
N PRO A 331 -41.71 -7.30 21.20
CA PRO A 331 -40.77 -7.43 20.09
C PRO A 331 -40.92 -8.76 19.37
N GLY A 332 -40.77 -8.72 18.04
CA GLY A 332 -40.87 -9.91 17.22
C GLY A 332 -39.54 -10.60 17.06
N LEU A 333 -39.20 -10.98 15.82
CA LEU A 333 -37.98 -11.70 15.51
C LEU A 333 -36.90 -10.79 14.93
N ARG A 334 -37.25 -9.87 14.04
CA ARG A 334 -36.24 -9.04 13.39
C ARG A 334 -35.55 -8.13 14.39
N HIS A 335 -36.27 -7.69 15.43
CA HIS A 335 -35.66 -6.81 16.44
C HIS A 335 -34.59 -7.57 17.21
N GLN A 336 -34.89 -8.80 17.63
CA GLN A 336 -33.93 -9.60 18.37
C GLN A 336 -32.72 -9.93 17.51
N LEU A 337 -32.96 -10.25 16.23
CA LEU A 337 -31.85 -10.53 15.33
C LEU A 337 -30.98 -9.29 15.16
N GLY A 338 -31.58 -8.11 15.08
CA GLY A 338 -30.79 -6.89 14.98
C GLY A 338 -29.93 -6.67 16.20
N ALA A 339 -30.50 -6.84 17.40
CA ALA A 339 -29.73 -6.64 18.61
C ALA A 339 -28.57 -7.64 18.71
N ALA A 340 -28.86 -8.91 18.43
CA ALA A 340 -27.81 -9.93 18.48
C ALA A 340 -26.73 -9.64 17.45
N PHE A 341 -27.12 -9.25 16.23
CA PHE A 341 -26.15 -8.92 15.21
C PHE A 341 -25.26 -7.78 15.65
N THR A 342 -25.83 -6.72 16.24
CA THR A 342 -25.04 -5.60 16.70
C THR A 342 -24.00 -6.04 17.72
N LEU A 343 -24.45 -6.74 18.77
CA LEU A 343 -23.53 -7.12 19.84
C LEU A 343 -22.45 -8.06 19.33
N LEU A 344 -22.84 -9.11 18.60
CA LEU A 344 -21.87 -10.08 18.13
C LEU A 344 -20.90 -9.47 17.13
N TYR A 345 -21.38 -8.61 16.22
CA TYR A 345 -20.50 -8.00 15.24
C TYR A 345 -19.49 -7.07 15.89
N LEU A 346 -19.92 -6.26 16.86
CA LEU A 346 -18.97 -5.38 17.53
C LEU A 346 -17.95 -6.18 18.33
N LEU A 347 -18.39 -7.26 18.99
CA LEU A 347 -17.45 -8.09 19.73
C LEU A 347 -16.44 -8.74 18.79
N GLU A 348 -16.90 -9.22 17.63
CA GLU A 348 -15.99 -9.82 16.66
C GLU A 348 -14.99 -8.81 16.14
N GLN A 349 -15.44 -7.58 15.87
CA GLN A 349 -14.53 -6.55 15.38
C GLN A 349 -13.50 -6.20 16.44
N LEU A 350 -13.89 -6.19 17.71
CA LEU A 350 -12.91 -5.98 18.77
C LEU A 350 -11.90 -7.12 18.83
N PHE A 351 -12.36 -8.37 18.67
CA PHE A 351 -11.47 -9.50 18.86
C PHE A 351 -10.51 -9.72 17.68
N LEU A 352 -10.98 -9.49 16.45
CA LEU A 352 -10.22 -9.94 15.29
C LEU A 352 -8.83 -9.32 15.17
N PRO A 353 -8.62 -8.02 15.40
CA PRO A 353 -7.26 -7.48 15.30
C PRO A 353 -6.26 -8.11 16.26
N TYR A 354 -6.73 -8.71 17.36
CA TYR A 354 -5.86 -9.34 18.34
C TYR A 354 -5.92 -10.86 18.28
N SER A 355 -6.33 -11.43 17.14
CA SER A 355 -6.46 -12.87 16.99
C SER A 355 -5.21 -13.51 16.38
N HIS A 356 -4.05 -12.90 16.59
CA HIS A 356 -2.81 -13.39 15.97
C HIS A 356 -2.16 -14.52 16.75
N PHE A 357 -2.67 -14.87 17.92
CA PHE A 357 -2.15 -16.02 18.65
C PHE A 357 -2.76 -17.34 18.20
N LEU A 358 -3.77 -17.32 17.34
CA LEU A 358 -4.38 -18.52 16.78
C LEU A 358 -3.82 -18.87 15.42
N THR A 359 -3.71 -17.88 14.53
CA THR A 359 -3.15 -18.08 13.19
C THR A 359 -1.69 -17.66 13.23
N GLN A 360 -0.86 -18.53 13.81
CA GLN A 360 0.56 -18.27 13.95
C GLN A 360 1.35 -18.58 12.69
N GLY A 361 0.76 -19.30 11.73
CA GLY A 361 1.46 -19.53 10.48
C GLY A 361 1.73 -18.27 9.71
N TYR A 362 0.81 -17.30 9.77
CA TYR A 362 0.97 -16.03 9.09
C TYR A 362 1.81 -15.03 9.88
N ASN A 363 2.21 -15.36 11.10
CA ASN A 363 3.04 -14.45 11.87
C ASN A 363 4.45 -14.38 11.28
N ASN A 364 5.07 -13.22 11.46
CA ASN A 364 6.38 -12.89 10.92
C ASN A 364 7.03 -11.94 11.91
N TRP A 365 8.03 -11.18 11.46
CA TRP A 365 8.58 -10.10 12.29
C TRP A 365 7.49 -9.18 12.80
N THR A 366 6.50 -8.87 11.97
CA THR A 366 5.26 -8.24 12.39
C THR A 366 4.21 -9.32 12.63
N ASN A 367 2.97 -8.90 12.90
CA ASN A 367 1.88 -9.81 13.25
C ASN A 367 0.90 -9.93 12.08
N GLY A 368 0.70 -11.16 11.62
CA GLY A 368 -0.37 -11.48 10.69
C GLY A 368 -0.29 -10.83 9.33
N LEU A 369 -1.18 -11.24 8.43
CA LEU A 369 -1.27 -10.59 7.13
C LEU A 369 -1.73 -9.15 7.29
N TYR A 370 -1.26 -8.29 6.41
CA TYR A 370 -1.60 -6.88 6.48
C TYR A 370 -3.01 -6.63 5.97
N GLY A 371 -3.74 -5.76 6.65
CA GLY A 371 -5.05 -5.33 6.20
C GLY A 371 -6.13 -5.24 7.27
N TYR A 372 -6.07 -6.09 8.30
CA TYR A 372 -7.14 -6.21 9.29
C TYR A 372 -6.64 -5.96 10.71
N SER A 373 -5.57 -5.18 10.87
CA SER A 373 -5.01 -4.83 12.17
C SER A 373 -5.06 -3.35 12.49
N TRP A 374 -5.35 -2.50 11.52
CA TRP A 374 -5.39 -1.05 11.69
C TRP A 374 -4.04 -0.46 12.07
N ASP A 375 -2.94 -1.17 11.77
CA ASP A 375 -1.59 -0.67 12.04
C ASP A 375 -1.09 0.07 10.80
N MET A 376 -1.56 1.29 10.64
CA MET A 376 -1.28 2.10 9.47
C MET A 376 -0.01 2.90 9.69
N MET A 377 0.93 2.77 8.74
CA MET A 377 2.15 3.58 8.70
C MET A 377 2.97 3.41 9.98
N VAL A 378 3.11 2.17 10.43
CA VAL A 378 3.83 1.86 11.66
C VAL A 378 5.10 1.06 11.42
N HIS A 379 5.27 0.46 10.24
CA HIS A 379 6.49 -0.24 9.88
C HIS A 379 6.86 0.08 8.45
N SER A 380 8.13 0.41 8.23
CA SER A 380 8.68 0.65 6.91
C SER A 380 9.86 -0.29 6.69
N ARG A 381 9.97 -0.82 5.47
CA ARG A 381 10.92 -1.88 5.15
C ARG A 381 11.80 -1.45 3.99
N SER A 382 13.08 -1.81 4.05
CA SER A 382 14.04 -1.51 3.00
C SER A 382 14.79 -2.79 2.64
N HIS A 383 14.55 -3.30 1.44
CA HIS A 383 15.18 -4.51 0.96
C HIS A 383 16.47 -4.18 0.23
N GLN A 384 17.50 -4.99 0.47
CA GLN A 384 18.81 -4.81 -0.14
C GLN A 384 19.08 -5.79 -1.28
N HIS A 385 18.81 -7.07 -1.07
CA HIS A 385 19.15 -8.09 -2.06
C HIS A 385 18.21 -9.27 -1.91
N VAL A 386 17.97 -9.96 -3.03
CA VAL A 386 17.12 -11.14 -3.08
C VAL A 386 17.77 -12.14 -4.04
N LYS A 387 18.20 -13.28 -3.52
CA LYS A 387 18.84 -14.33 -4.31
C LYS A 387 17.99 -15.58 -4.27
N ILE A 388 17.65 -16.10 -5.45
CA ILE A 388 16.88 -17.32 -5.60
C ILE A 388 17.76 -18.33 -6.33
N THR A 389 18.07 -19.44 -5.65
CA THR A 389 18.93 -20.49 -6.17
C THR A 389 18.10 -21.74 -6.43
N TYR A 390 18.48 -22.50 -7.46
CA TYR A 390 17.80 -23.76 -7.78
C TYR A 390 18.84 -24.82 -8.10
N ARG A 391 18.59 -26.02 -7.59
CA ARG A 391 19.40 -27.21 -7.87
C ARG A 391 18.53 -28.20 -8.63
N ASP A 392 19.01 -28.62 -9.79
CA ASP A 392 18.28 -29.60 -10.60
C ASP A 392 18.38 -30.98 -9.97
N GLY A 393 17.26 -31.72 -10.04
CA GLY A 393 17.18 -33.04 -9.46
C GLY A 393 17.63 -34.18 -10.35
N ARG A 394 18.11 -33.89 -11.56
CA ARG A 394 18.59 -34.90 -12.50
C ARG A 394 20.09 -34.83 -12.75
N THR A 395 20.62 -33.63 -12.96
CA THR A 395 22.03 -33.45 -13.29
C THR A 395 22.87 -32.94 -12.12
N GLY A 396 22.26 -32.20 -11.20
CA GLY A 396 22.98 -31.61 -10.09
C GLY A 396 23.46 -30.19 -10.33
N GLU A 397 23.12 -29.59 -11.47
CA GLU A 397 23.56 -28.23 -11.76
C GLU A 397 22.90 -27.25 -10.78
N LEU A 398 23.63 -26.18 -10.49
CA LEU A 398 23.19 -25.14 -9.56
C LEU A 398 23.12 -23.83 -10.34
N GLY A 399 21.94 -23.20 -10.32
CA GLY A 399 21.73 -21.97 -11.07
C GLY A 399 20.94 -20.98 -10.25
N TYR A 400 20.83 -19.76 -10.79
CA TYR A 400 20.23 -18.64 -10.11
C TYR A 400 19.12 -18.05 -10.97
N LEU A 401 17.94 -17.88 -10.39
CA LEU A 401 16.80 -17.31 -11.09
C LEU A 401 16.71 -15.82 -10.85
N ASN A 402 15.99 -15.13 -11.73
CA ASN A 402 15.75 -13.71 -11.53
C ASN A 402 14.87 -13.52 -10.29
N PRO A 403 15.08 -12.46 -9.49
CA PRO A 403 14.36 -12.39 -8.21
C PRO A 403 12.84 -12.39 -8.32
N GLY A 404 12.27 -11.69 -9.30
CA GLY A 404 10.84 -11.50 -9.38
C GLY A 404 10.17 -12.07 -10.62
N VAL A 405 10.61 -13.24 -11.05
CA VAL A 405 10.08 -13.83 -12.28
C VAL A 405 8.71 -14.43 -12.01
N PHE A 406 7.81 -14.29 -12.99
CA PHE A 406 6.45 -14.86 -12.91
C PHE A 406 5.68 -14.31 -11.71
N THR A 407 5.85 -13.02 -11.43
CA THR A 407 5.18 -12.38 -10.31
C THR A 407 4.84 -10.95 -10.68
N GLN A 408 3.81 -10.40 -10.00
CA GLN A 408 3.32 -9.07 -10.25
C GLN A 408 3.43 -8.14 -9.04
N SER A 409 3.63 -8.67 -7.84
CA SER A 409 3.79 -7.88 -6.63
C SER A 409 5.04 -8.35 -5.89
N ARG A 410 5.50 -7.51 -4.95
CA ARG A 410 6.76 -7.72 -4.25
C ARG A 410 6.55 -7.80 -2.74
N ARG A 411 5.38 -8.28 -2.31
CA ARG A 411 5.13 -8.56 -0.90
C ARG A 411 5.45 -9.99 -0.51
N TRP A 412 5.90 -10.83 -1.45
CA TRP A 412 6.34 -12.18 -1.14
C TRP A 412 7.69 -12.21 -0.45
N LYS A 413 8.37 -11.08 -0.31
CA LYS A 413 9.67 -11.02 0.35
C LYS A 413 9.55 -10.90 1.86
N ASP A 414 8.33 -10.85 2.41
CA ASP A 414 8.12 -10.60 3.83
C ASP A 414 7.13 -11.54 4.48
N HIS A 415 6.54 -12.49 3.75
CA HIS A 415 5.57 -13.43 4.30
C HIS A 415 5.94 -14.84 3.87
N ALA A 416 5.89 -15.78 4.82
CA ALA A 416 6.34 -17.14 4.56
C ALA A 416 5.36 -17.89 3.64
N ASP A 417 4.06 -17.71 3.86
CA ASP A 417 3.07 -18.43 3.07
C ASP A 417 3.15 -18.06 1.60
N MET A 418 3.34 -16.77 1.31
CA MET A 418 3.49 -16.33 -0.07
C MET A 418 4.75 -16.92 -0.68
N LEU A 419 5.81 -17.04 0.13
CA LEU A 419 7.03 -17.69 -0.34
C LEU A 419 6.77 -19.15 -0.70
N LYS A 420 6.00 -19.86 0.12
CA LYS A 420 5.67 -21.25 -0.19
C LYS A 420 4.88 -21.35 -1.48
N GLN A 421 3.91 -20.47 -1.67
CA GLN A 421 3.11 -20.49 -2.90
C GLN A 421 3.98 -20.19 -4.12
N TYR A 422 4.90 -19.23 -3.99
CA TYR A 422 5.80 -18.90 -5.09
C TYR A 422 6.70 -20.09 -5.40
N ALA A 423 7.18 -20.78 -4.37
CA ALA A 423 8.02 -21.95 -4.61
C ALA A 423 7.27 -23.04 -5.35
N THR A 424 6.00 -23.29 -4.97
CA THR A 424 5.22 -24.29 -5.68
C THR A 424 4.97 -23.89 -7.13
N CYS A 425 4.69 -22.60 -7.35
CA CYS A 425 4.48 -22.12 -8.72
C CYS A 425 5.73 -22.32 -9.56
N LEU A 426 6.90 -21.98 -9.01
CA LEU A 426 8.15 -22.19 -9.72
C LEU A 426 8.38 -23.67 -9.98
N SER A 427 8.01 -24.53 -9.03
CA SER A 427 8.19 -25.96 -9.21
C SER A 427 7.38 -26.46 -10.39
N ARG A 428 6.14 -25.98 -10.53
CA ARG A 428 5.33 -26.43 -11.66
C ARG A 428 5.73 -25.79 -12.98
N LEU A 429 6.34 -24.60 -12.96
CA LEU A 429 6.64 -23.88 -14.20
C LEU A 429 8.03 -24.14 -14.75
N LEU A 430 9.02 -24.39 -13.91
CA LEU A 430 10.39 -24.56 -14.40
C LEU A 430 10.57 -25.73 -15.38
N PRO A 431 9.83 -26.84 -15.29
CA PRO A 431 10.00 -27.90 -16.31
C PRO A 431 9.75 -27.45 -17.74
N LYS A 432 9.08 -26.32 -17.96
CA LYS A 432 8.98 -25.78 -19.30
C LYS A 432 10.31 -25.27 -19.82
N TYR A 433 11.28 -25.00 -18.94
CA TYR A 433 12.58 -24.45 -19.31
C TYR A 433 13.72 -25.45 -19.09
N ASN A 434 13.44 -26.74 -19.25
CA ASN A 434 14.45 -27.80 -19.19
C ASN A 434 15.11 -27.88 -17.82
N VAL A 435 14.30 -27.88 -16.76
CA VAL A 435 14.75 -28.14 -15.39
C VAL A 435 13.87 -29.23 -14.81
N THR A 436 14.50 -30.27 -14.25
CA THR A 436 13.75 -31.38 -13.67
C THR A 436 13.25 -30.94 -12.29
N GLU A 437 12.76 -31.90 -11.48
CA GLU A 437 12.19 -31.60 -10.18
C GLU A 437 13.20 -30.84 -9.32
N PRO A 438 13.04 -29.53 -9.10
CA PRO A 438 14.11 -28.75 -8.51
C PRO A 438 14.03 -28.65 -6.99
N GLN A 439 15.12 -28.17 -6.40
CA GLN A 439 15.16 -27.73 -5.02
C GLN A 439 15.48 -26.24 -5.02
N ILE A 440 14.60 -25.42 -4.46
CA ILE A 440 14.68 -23.97 -4.57
C ILE A 440 15.00 -23.40 -3.19
N TYR A 441 15.99 -22.53 -3.13
CA TYR A 441 16.41 -21.85 -1.92
C TYR A 441 16.27 -20.34 -2.11
N PHE A 442 15.94 -19.65 -1.01
CA PHE A 442 15.72 -18.21 -1.00
C PHE A 442 16.65 -17.56 0.02
N ASP A 443 17.18 -16.39 -0.33
CA ASP A 443 18.02 -15.60 0.57
C ASP A 443 17.62 -14.14 0.40
N ILE A 444 16.94 -13.58 1.41
CA ILE A 444 16.33 -12.27 1.33
C ILE A 444 16.80 -11.44 2.51
N TRP A 445 17.24 -10.21 2.23
CA TRP A 445 17.69 -9.26 3.24
C TRP A 445 16.69 -8.12 3.35
N VAL A 446 16.32 -7.77 4.57
CA VAL A 446 15.33 -6.72 4.81
C VAL A 446 15.60 -6.11 6.18
N SER A 447 15.37 -4.80 6.28
CA SER A 447 15.48 -4.07 7.54
C SER A 447 14.22 -3.25 7.76
N ILE A 448 13.75 -3.24 9.01
CA ILE A 448 12.53 -2.53 9.40
C ILE A 448 12.93 -1.33 10.24
N ASN A 449 12.47 -0.15 9.83
CA ASN A 449 12.68 1.09 10.57
C ASN A 449 14.17 1.36 10.81
N ASP A 450 14.95 1.20 9.75
CA ASP A 450 16.35 1.60 9.73
C ASP A 450 17.16 0.89 10.81
N ARG A 451 17.15 -0.44 10.75
CA ARG A 451 17.98 -1.31 11.59
C ARG A 451 19.05 -1.96 10.71
N PHE A 452 19.85 -2.81 11.33
CA PHE A 452 20.78 -3.64 10.56
C PHE A 452 20.01 -4.55 9.62
N GLN A 453 20.53 -4.73 8.42
CA GLN A 453 19.91 -5.62 7.44
C GLN A 453 20.28 -7.06 7.76
N GLN A 454 19.28 -7.90 7.97
CA GLN A 454 19.48 -9.29 8.34
C GLN A 454 18.55 -10.18 7.52
N ARG A 455 18.90 -11.46 7.45
CA ARG A 455 18.09 -12.42 6.73
C ARG A 455 16.74 -12.59 7.40
N ILE A 456 15.73 -12.88 6.57
CA ILE A 456 14.38 -13.13 7.04
C ILE A 456 14.00 -14.61 6.99
N PHE A 457 14.52 -15.37 6.04
CA PHE A 457 14.30 -16.80 5.94
C PHE A 457 15.65 -17.51 5.90
N ASP A 458 15.68 -18.71 6.46
CA ASP A 458 16.92 -19.48 6.50
C ASP A 458 17.34 -19.84 5.07
N PRO A 459 18.57 -19.55 4.64
CA PRO A 459 18.95 -19.83 3.25
C PRO A 459 19.39 -21.26 2.98
N ARG A 460 19.18 -22.19 3.92
CA ARG A 460 19.60 -23.57 3.77
C ARG A 460 18.43 -24.54 3.71
N VAL A 461 17.21 -24.06 3.51
CA VAL A 461 16.00 -24.87 3.59
C VAL A 461 15.32 -24.87 2.23
N ASP A 462 15.04 -26.06 1.72
CA ASP A 462 14.28 -26.21 0.48
C ASP A 462 12.83 -25.82 0.73
N ILE A 463 12.41 -24.69 0.19
CA ILE A 463 11.06 -24.20 0.44
C ILE A 463 10.02 -25.09 -0.24
N VAL A 464 10.39 -25.80 -1.31
CA VAL A 464 9.43 -26.65 -2.00
C VAL A 464 9.00 -27.81 -1.10
N GLN A 465 9.92 -28.35 -0.31
CA GLN A 465 9.65 -29.44 0.61
C GLN A 465 9.56 -28.99 2.06
N ALA A 466 9.49 -27.69 2.32
CA ALA A 466 9.39 -27.20 3.67
C ALA A 466 7.99 -27.47 4.23
N ALA A 467 7.87 -27.35 5.54
CA ALA A 467 6.63 -27.63 6.26
C ALA A 467 5.96 -26.34 6.66
N TRP A 468 4.68 -26.18 6.30
CA TRP A 468 3.91 -25.00 6.65
C TRP A 468 2.46 -25.37 6.85
N SER A 469 1.91 -24.99 8.01
CA SER A 469 0.49 -25.10 8.29
C SER A 469 0.01 -23.78 8.89
N PRO A 470 -1.25 -23.39 8.68
CA PRO A 470 -1.68 -22.06 9.15
C PRO A 470 -1.58 -21.86 10.64
N PHE A 471 -1.80 -22.90 11.44
CA PHE A 471 -1.96 -22.76 12.88
C PHE A 471 -0.74 -23.22 13.67
N GLN A 472 0.41 -23.40 13.03
CA GLN A 472 1.66 -23.74 13.71
C GLN A 472 2.74 -22.75 13.30
N ARG A 473 3.66 -22.50 14.22
CA ARG A 473 4.73 -21.55 13.98
C ARG A 473 5.68 -22.08 12.90
N THR A 474 6.10 -21.19 12.01
CA THR A 474 7.06 -21.57 10.98
C THR A 474 8.45 -21.71 11.57
N SER A 475 9.12 -22.81 11.23
CA SER A 475 10.44 -23.11 11.80
C SER A 475 11.60 -22.56 10.98
N TRP A 476 11.34 -21.92 9.84
CA TRP A 476 12.38 -21.37 8.97
C TRP A 476 12.18 -19.88 8.75
N VAL A 477 11.85 -19.15 9.83
CA VAL A 477 11.80 -17.70 9.83
C VAL A 477 12.75 -17.21 10.92
N GLN A 478 13.79 -16.50 10.52
CA GLN A 478 14.79 -16.06 11.48
C GLN A 478 14.19 -15.02 12.43
N PRO A 479 14.56 -15.02 13.72
CA PRO A 479 14.01 -14.01 14.62
C PRO A 479 14.54 -12.62 14.32
N LEU A 480 13.74 -11.62 14.65
CA LEU A 480 14.18 -10.23 14.55
C LEU A 480 15.11 -9.94 15.72
N LEU A 481 16.36 -9.62 15.40
CA LEU A 481 17.35 -9.31 16.44
C LEU A 481 17.08 -7.90 16.93
N MET A 482 16.28 -7.79 17.99
CA MET A 482 15.92 -6.50 18.56
C MET A 482 16.96 -5.99 19.56
N ASP A 483 17.95 -6.81 19.93
CA ASP A 483 18.98 -6.35 20.85
C ASP A 483 19.88 -5.29 20.23
N LEU A 484 19.97 -5.23 18.90
CA LEU A 484 20.77 -4.23 18.21
C LEU A 484 19.97 -2.98 17.88
N SER A 485 18.82 -2.78 18.52
CA SER A 485 18.03 -1.57 18.30
C SER A 485 18.75 -0.28 18.67
N PRO A 486 19.41 -0.14 19.82
CA PRO A 486 20.05 1.15 20.13
C PRO A 486 21.13 1.57 19.16
N TRP A 487 21.73 0.63 18.42
CA TRP A 487 22.79 0.97 17.48
C TRP A 487 22.34 1.97 16.43
N ARG A 488 21.02 2.08 16.18
CA ARG A 488 20.49 3.04 15.23
C ARG A 488 20.90 4.46 15.55
N ALA A 489 21.23 4.77 16.80
CA ALA A 489 21.82 6.08 17.08
C ALA A 489 23.18 6.20 16.41
N LYS A 490 24.12 5.31 16.79
CA LYS A 490 25.49 5.44 16.34
C LYS A 490 25.59 5.34 14.82
N LEU A 491 24.85 4.41 14.21
CA LEU A 491 24.86 4.26 12.76
C LEU A 491 24.53 5.58 12.07
N GLN A 492 23.57 6.33 12.61
CA GLN A 492 23.20 7.59 11.98
C GLN A 492 24.38 8.55 11.96
N GLU A 493 25.15 8.59 13.05
CA GLU A 493 26.36 9.40 13.07
C GLU A 493 27.30 8.98 11.95
N ILE A 494 27.49 7.67 11.77
CA ILE A 494 28.36 7.18 10.71
C ILE A 494 27.79 7.56 9.35
N LYS A 495 26.46 7.62 9.24
CA LYS A 495 25.86 8.04 7.98
C LYS A 495 26.17 9.49 7.66
N SER A 496 26.44 10.32 8.67
CA SER A 496 26.67 11.75 8.47
C SER A 496 28.15 12.12 8.38
N SER A 497 29.06 11.15 8.43
CA SER A 497 30.49 11.39 8.38
C SER A 497 31.09 11.09 7.01
N LEU A 498 30.27 10.85 6.00
CA LEU A 498 30.73 10.47 4.68
C LEU A 498 30.77 11.69 3.75
N ASP A 499 31.43 11.51 2.61
CA ASP A 499 31.48 12.54 1.58
C ASP A 499 30.19 12.51 0.78
N ASN A 500 30.14 13.25 -0.32
CA ASN A 500 29.00 13.22 -1.22
C ASN A 500 29.04 12.06 -2.20
N HIS A 501 30.10 11.26 -2.20
CA HIS A 501 30.25 10.11 -3.10
C HIS A 501 30.20 8.77 -2.38
N THR A 502 30.80 8.68 -1.19
CA THR A 502 30.86 7.41 -0.47
C THR A 502 29.47 6.98 -0.01
N GLU A 503 29.29 5.67 0.11
CA GLU A 503 28.04 5.08 0.59
C GLU A 503 28.37 3.95 1.56
N VAL A 504 27.41 3.67 2.45
CA VAL A 504 27.58 2.72 3.54
C VAL A 504 26.38 1.80 3.59
N VAL A 505 26.62 0.52 3.86
CA VAL A 505 25.59 -0.50 4.04
C VAL A 505 25.93 -1.32 5.28
N PHE A 506 25.00 -1.41 6.21
CA PHE A 506 25.20 -2.11 7.48
C PHE A 506 24.55 -3.48 7.43
N ILE A 507 25.27 -4.48 7.94
CA ILE A 507 24.86 -5.88 7.87
C ILE A 507 25.01 -6.52 9.24
N ALA A 508 24.06 -7.37 9.60
CA ALA A 508 24.11 -8.17 10.82
C ALA A 508 23.80 -9.61 10.46
N ASP A 509 24.71 -10.52 10.80
CA ASP A 509 24.67 -11.90 10.33
C ASP A 509 24.69 -12.85 11.52
N PHE A 510 24.02 -13.99 11.33
CA PHE A 510 23.82 -14.98 12.36
C PHE A 510 25.03 -15.94 12.44
N PRO A 511 25.18 -16.65 13.55
CA PRO A 511 26.32 -17.58 13.67
C PRO A 511 26.12 -18.82 12.80
N GLY A 512 27.20 -19.23 12.13
CA GLY A 512 27.19 -20.42 11.32
C GLY A 512 27.04 -20.10 9.84
N LEU A 513 26.22 -19.12 9.53
CA LEU A 513 25.95 -18.76 8.14
C LEU A 513 27.13 -17.96 7.57
N HIS A 514 27.11 -17.78 6.25
CA HIS A 514 28.12 -17.00 5.56
C HIS A 514 27.48 -16.26 4.39
N LEU A 515 28.08 -15.14 4.03
CA LEU A 515 27.65 -14.33 2.90
C LEU A 515 28.73 -14.33 1.83
N GLU A 516 28.35 -14.72 0.62
CA GLU A 516 29.23 -14.73 -0.54
C GLU A 516 28.86 -13.56 -1.44
N ASN A 517 29.83 -12.71 -1.78
CA ASN A 517 29.58 -11.47 -2.50
C ASN A 517 30.59 -11.33 -3.64
N PHE A 518 30.16 -10.61 -4.68
CA PHE A 518 30.96 -10.36 -5.89
C PHE A 518 30.98 -8.87 -6.13
N VAL A 519 32.05 -8.21 -5.70
CA VAL A 519 32.19 -6.77 -5.92
C VAL A 519 32.42 -6.51 -7.39
N SER A 520 31.59 -5.66 -7.97
CA SER A 520 31.71 -5.34 -9.39
C SER A 520 33.00 -4.57 -9.65
N GLU A 521 33.48 -4.66 -10.89
CA GLU A 521 34.71 -3.98 -11.27
C GLU A 521 34.61 -2.48 -11.11
N ASP A 522 33.41 -1.92 -11.29
CA ASP A 522 33.24 -0.47 -11.17
C ASP A 522 33.48 0.00 -9.75
N LEU A 523 33.05 -0.78 -8.76
CA LEU A 523 33.11 -0.37 -7.35
C LEU A 523 34.54 -0.55 -6.83
N GLY A 524 35.42 0.32 -7.31
CA GLY A 524 36.74 0.41 -6.72
C GLY A 524 36.72 1.11 -5.39
N ASN A 525 37.77 0.86 -4.58
CA ASN A 525 37.90 1.43 -3.25
C ASN A 525 36.72 1.05 -2.36
N THR A 526 36.53 -0.26 -2.20
CA THR A 526 35.52 -0.83 -1.31
C THR A 526 36.22 -1.41 -0.09
N SER A 527 35.70 -1.11 1.10
CA SER A 527 36.30 -1.51 2.35
C SER A 527 35.26 -2.14 3.26
N ILE A 528 35.72 -3.04 4.13
CA ILE A 528 34.88 -3.74 5.10
C ILE A 528 35.43 -3.45 6.49
N GLN A 529 34.52 -3.04 7.39
CA GLN A 529 34.86 -2.73 8.78
C GLN A 529 33.92 -3.48 9.70
N LEU A 530 34.45 -3.92 10.83
CA LEU A 530 33.71 -4.73 11.80
C LEU A 530 33.33 -3.88 13.00
N LEU A 531 32.06 -3.93 13.38
CA LEU A 531 31.54 -3.17 14.51
C LEU A 531 31.37 -4.02 15.76
N GLN A 532 30.88 -5.25 15.65
CA GLN A 532 30.72 -6.11 16.80
C GLN A 532 30.79 -7.57 16.38
N GLY A 533 31.35 -8.40 17.24
CA GLY A 533 31.43 -9.82 17.02
C GLY A 533 32.79 -10.27 16.52
N GLU A 534 32.79 -11.43 15.86
CA GLU A 534 33.99 -12.01 15.27
C GLU A 534 33.63 -12.60 13.91
N VAL A 535 34.32 -12.14 12.87
CA VAL A 535 34.09 -12.59 11.51
C VAL A 535 35.42 -12.97 10.87
N THR A 536 35.34 -13.74 9.80
CA THR A 536 36.50 -14.11 8.99
C THR A 536 36.19 -13.82 7.54
N VAL A 537 37.05 -13.03 6.89
CA VAL A 537 36.87 -12.63 5.50
C VAL A 537 37.82 -13.46 4.65
N GLU A 538 37.29 -14.12 3.62
CA GLU A 538 38.02 -15.04 2.77
C GLU A 538 38.00 -14.54 1.34
N LEU A 539 39.18 -14.44 0.74
CA LEU A 539 39.34 -14.20 -0.69
C LEU A 539 39.61 -15.53 -1.37
N VAL A 540 38.73 -15.90 -2.32
CA VAL A 540 38.86 -17.19 -3.01
C VAL A 540 39.84 -17.15 -4.17
N ALA A 541 40.27 -15.96 -4.60
CA ALA A 541 41.26 -15.88 -5.67
C ALA A 541 42.56 -16.58 -5.29
N GLU A 542 43.00 -16.39 -4.04
CA GLU A 542 44.16 -17.07 -3.51
C GLU A 542 43.83 -17.99 -2.34
N GLN A 543 42.55 -18.15 -1.99
CA GLN A 543 42.13 -19.02 -0.88
C GLN A 543 42.80 -18.61 0.42
N LYS A 544 42.68 -17.32 0.76
CA LYS A 544 43.30 -16.74 1.95
C LYS A 544 42.21 -16.10 2.80
N ASN A 545 42.14 -16.49 4.08
CA ASN A 545 41.14 -15.99 5.01
C ASN A 545 41.79 -15.37 6.22
N GLN A 546 41.30 -14.20 6.62
CA GLN A 546 41.79 -13.45 7.77
C GLN A 546 40.66 -13.24 8.76
N THR A 547 40.97 -13.43 10.04
CA THR A 547 40.00 -13.25 11.13
C THR A 547 40.09 -11.81 11.62
N LEU A 548 38.98 -11.08 11.56
CA LEU A 548 38.93 -9.68 11.93
C LEU A 548 38.37 -9.53 13.34
N ARG A 549 39.01 -8.70 14.14
CA ARG A 549 38.59 -8.37 15.49
C ARG A 549 37.89 -7.01 15.48
N GLU A 550 37.49 -6.53 16.65
CA GLU A 550 36.73 -5.29 16.73
C GLU A 550 37.57 -4.10 16.26
N GLY A 551 36.94 -3.22 15.51
CA GLY A 551 37.61 -2.01 15.05
C GLY A 551 38.76 -2.29 14.10
N GLU A 552 38.58 -3.20 13.15
CA GLU A 552 39.58 -3.51 12.13
C GLU A 552 38.95 -3.32 10.76
N LYS A 553 39.76 -2.85 9.82
CA LYS A 553 39.31 -2.47 8.48
C LYS A 553 40.16 -3.18 7.44
N MET A 554 39.53 -3.63 6.36
CA MET A 554 40.20 -4.35 5.29
C MET A 554 39.74 -3.79 3.95
N GLN A 555 40.66 -3.80 2.98
CA GLN A 555 40.40 -3.29 1.64
C GLN A 555 40.15 -4.47 0.71
N LEU A 556 38.90 -4.66 0.30
CA LEU A 556 38.53 -5.82 -0.47
C LEU A 556 38.96 -5.68 -1.93
N PRO A 557 39.20 -6.79 -2.64
CA PRO A 557 39.43 -6.69 -4.08
C PRO A 557 38.19 -6.23 -4.82
N ALA A 558 38.41 -5.59 -5.97
CA ALA A 558 37.35 -5.15 -6.86
C ALA A 558 37.34 -6.04 -8.10
N GLY A 559 36.20 -6.66 -8.36
CA GLY A 559 36.06 -7.55 -9.50
C GLY A 559 36.26 -9.02 -9.22
N GLU A 560 36.32 -9.43 -7.95
CA GLU A 560 36.53 -10.82 -7.55
C GLU A 560 35.43 -11.23 -6.58
N TYR A 561 35.51 -12.47 -6.13
CA TYR A 561 34.57 -13.04 -5.16
C TYR A 561 35.21 -13.03 -3.78
N HIS A 562 34.41 -12.70 -2.76
CA HIS A 562 34.85 -12.84 -1.38
C HIS A 562 33.69 -13.37 -0.54
N LYS A 563 34.04 -13.88 0.64
CA LYS A 563 33.08 -14.44 1.57
C LYS A 563 33.35 -13.89 2.95
N VAL A 564 32.29 -13.74 3.73
CA VAL A 564 32.38 -13.37 5.14
C VAL A 564 31.65 -14.44 5.95
N TYR A 565 32.37 -15.05 6.89
CA TYR A 565 31.83 -16.07 7.78
C TYR A 565 31.71 -15.48 9.19
N THR A 566 30.62 -15.84 9.87
CA THR A 566 30.42 -15.47 11.27
C THR A 566 30.85 -16.65 12.13
N THR A 567 31.78 -16.39 13.06
CA THR A 567 32.38 -17.42 13.91
C THR A 567 32.40 -16.98 15.36
N SER A 568 31.26 -16.47 15.83
CA SER A 568 31.08 -16.05 17.21
C SER A 568 29.83 -16.70 17.78
N PRO A 569 29.74 -16.86 19.11
CA PRO A 569 28.49 -17.39 19.68
C PRO A 569 27.28 -16.48 19.47
N SER A 570 27.48 -15.22 19.15
CA SER A 570 26.42 -14.22 19.01
C SER A 570 26.44 -13.62 17.61
N PRO A 571 25.39 -12.91 17.20
CA PRO A 571 25.40 -12.30 15.87
C PRO A 571 26.51 -11.28 15.71
N SER A 572 26.99 -11.16 14.48
CA SER A 572 28.10 -10.27 14.15
C SER A 572 27.62 -9.14 13.26
N CYS A 573 27.98 -7.91 13.60
CA CYS A 573 27.56 -6.71 12.89
C CYS A 573 28.78 -6.04 12.26
N TYR A 574 28.71 -5.80 10.95
CA TYR A 574 29.77 -5.15 10.20
C TYR A 574 29.16 -4.23 9.15
N MET A 575 30.00 -3.61 8.34
CA MET A 575 29.57 -2.59 7.39
C MET A 575 30.45 -2.60 6.15
N TYR A 576 29.84 -2.32 5.01
CA TYR A 576 30.53 -2.09 3.74
C TYR A 576 30.52 -0.60 3.44
N VAL A 577 31.70 -0.04 3.19
CA VAL A 577 31.85 1.35 2.77
C VAL A 577 32.48 1.34 1.38
N TYR A 578 31.79 1.95 0.41
CA TYR A 578 32.22 1.85 -0.98
C TYR A 578 31.93 3.13 -1.74
N VAL A 579 32.67 3.32 -2.83
CA VAL A 579 32.49 4.44 -3.75
C VAL A 579 32.61 3.90 -5.17
N ASN A 580 31.91 4.56 -6.10
CA ASN A 580 31.87 4.15 -7.50
C ASN A 580 32.94 4.94 -8.26
N THR A 581 33.99 4.25 -8.68
CA THR A 581 35.09 4.92 -9.36
C THR A 581 34.70 5.39 -10.76
N THR A 582 33.96 4.56 -11.48
CA THR A 582 33.60 4.90 -12.86
C THR A 582 32.75 6.17 -12.92
N GLU A 583 31.78 6.29 -12.02
CA GLU A 583 30.95 7.49 -11.98
C GLU A 583 31.78 8.71 -11.62
N LEU A 584 32.74 8.55 -10.72
CA LEU A 584 33.59 9.67 -10.33
C LEU A 584 34.44 10.15 -11.50
N ALA A 585 35.04 9.22 -12.24
CA ALA A 585 35.83 9.58 -13.40
C ALA A 585 34.96 10.24 -14.46
N LEU A 586 33.77 9.70 -14.71
CA LEU A 586 32.86 10.29 -15.69
C LEU A 586 32.47 11.70 -15.27
N GLU A 587 32.21 11.92 -13.97
CA GLU A 587 31.84 13.25 -13.50
C GLU A 587 32.99 14.23 -13.66
N GLN A 588 34.22 13.78 -13.39
CA GLN A 588 35.37 14.66 -13.59
C GLN A 588 35.52 15.04 -15.06
N ASP A 589 35.38 14.07 -15.96
CA ASP A 589 35.49 14.37 -17.39
C ASP A 589 34.36 15.30 -17.84
N LEU A 590 33.15 15.08 -17.32
CA LEU A 590 32.03 15.94 -17.68
C LEU A 590 32.24 17.36 -17.20
N ALA A 591 32.76 17.52 -15.98
CA ALA A 591 33.07 18.86 -15.47
C ALA A 591 34.13 19.53 -16.33
N TYR A 592 35.16 18.79 -16.73
CA TYR A 592 36.19 19.35 -17.61
C TYR A 592 35.59 19.81 -18.94
N LEU A 593 34.72 18.99 -19.52
CA LEU A 593 34.10 19.36 -20.80
C LEU A 593 33.21 20.59 -20.64
N GLN A 594 32.45 20.66 -19.56
CA GLN A 594 31.63 21.84 -19.31
C GLN A 594 32.49 23.08 -19.13
N GLU A 595 33.63 22.94 -18.43
CA GLU A 595 34.53 24.07 -18.26
C GLU A 595 35.07 24.54 -19.61
N LEU A 596 35.42 23.61 -20.49
CA LEU A 596 35.87 23.99 -21.82
C LEU A 596 34.77 24.71 -22.59
N LYS A 597 33.54 24.21 -22.50
CA LYS A 597 32.42 24.87 -23.17
C LYS A 597 32.22 26.29 -22.65
N GLU A 598 32.30 26.46 -21.33
CA GLU A 598 32.13 27.79 -20.73
C GLU A 598 33.25 28.72 -21.18
N LYS A 599 34.48 28.22 -21.22
CA LYS A 599 35.61 29.02 -21.68
C LYS A 599 35.40 29.46 -23.13
N VAL A 600 34.92 28.56 -23.99
CA VAL A 600 34.64 28.93 -25.37
C VAL A 600 33.54 29.99 -25.42
N GLU A 601 32.51 29.83 -24.58
CA GLU A 601 31.36 30.73 -24.66
C GLU A 601 31.72 32.14 -24.20
N ASN A 602 32.49 32.26 -23.11
CA ASN A 602 32.79 33.58 -22.56
C ASN A 602 33.87 34.33 -23.34
N GLY A 603 34.43 33.73 -24.39
CA GLY A 603 35.43 34.36 -25.23
C GLY A 603 36.84 33.87 -25.02
N SER A 604 37.11 33.19 -23.90
CA SER A 604 38.42 32.61 -23.69
C SER A 604 38.61 31.41 -24.61
N GLU A 605 39.83 30.86 -24.60
CA GLU A 605 40.21 29.75 -25.47
C GLU A 605 40.01 30.13 -26.94
N THR A 606 40.75 31.16 -27.36
CA THR A 606 40.64 31.67 -28.72
C THR A 606 41.05 30.65 -29.76
N GLY A 607 41.86 29.65 -29.40
CA GLY A 607 42.30 28.65 -30.33
C GLY A 607 41.14 27.82 -30.86
N PRO A 608 41.32 27.19 -32.03
CA PRO A 608 40.23 26.43 -32.61
C PRO A 608 39.81 25.26 -31.73
N LEU A 609 38.51 25.00 -31.68
CA LEU A 609 38.01 23.90 -30.88
C LEU A 609 38.38 22.55 -31.52
N PRO A 610 38.53 21.50 -30.71
CA PRO A 610 38.70 20.18 -31.31
C PRO A 610 37.45 19.76 -32.07
N PRO A 611 37.58 18.87 -33.05
CA PRO A 611 36.38 18.40 -33.77
C PRO A 611 35.37 17.71 -32.87
N GLU A 612 35.83 17.00 -31.83
CA GLU A 612 34.92 16.34 -30.91
C GLU A 612 34.06 17.35 -30.16
N LEU A 613 34.61 18.55 -29.92
CA LEU A 613 33.84 19.60 -29.25
C LEU A 613 32.80 20.24 -30.17
N GLN A 614 33.01 20.17 -31.50
CA GLN A 614 32.11 20.84 -32.43
C GLN A 614 30.66 20.37 -32.31
N PRO A 615 30.35 19.08 -32.17
CA PRO A 615 28.95 18.68 -31.93
C PRO A 615 28.33 19.33 -30.70
N LEU A 616 29.11 19.59 -29.66
CA LEU A 616 28.55 20.20 -28.45
C LEU A 616 28.03 21.61 -28.75
N LEU A 617 28.83 22.42 -29.44
CA LEU A 617 28.35 23.75 -29.83
C LEU A 617 27.20 23.64 -30.83
N GLU A 618 27.33 22.77 -31.82
CA GLU A 618 26.26 22.62 -32.81
C GLU A 618 24.99 22.07 -32.16
N GLY A 619 25.14 21.07 -31.28
CA GLY A 619 24.00 20.48 -30.60
C GLY A 619 23.25 19.43 -31.39
N GLU A 620 23.63 19.18 -32.64
CA GLU A 620 22.93 18.22 -33.49
C GLU A 620 23.96 17.42 -34.28
N VAL A 621 23.77 16.10 -34.30
CA VAL A 621 24.67 15.19 -35.04
C VAL A 621 24.10 15.09 -36.44
N LYS A 622 24.53 15.99 -37.32
CA LYS A 622 24.13 16.00 -38.72
C LYS A 622 25.35 16.23 -39.59
N GLY A 623 25.54 15.37 -40.59
CA GLY A 623 26.66 15.51 -41.50
C GLY A 623 28.02 15.43 -40.83
N GLY A 624 28.22 14.46 -39.95
CA GLY A 624 29.48 14.29 -39.27
C GLY A 624 29.62 12.94 -38.59
N PRO A 625 30.80 12.68 -38.02
CA PRO A 625 31.02 11.39 -37.36
C PRO A 625 30.15 11.25 -36.12
N GLU A 626 29.86 10.00 -35.77
CA GLU A 626 29.02 9.72 -34.62
C GLU A 626 29.72 10.21 -33.35
N PRO A 627 28.99 10.81 -32.40
CA PRO A 627 29.64 11.32 -31.19
C PRO A 627 30.19 10.21 -30.32
N THR A 628 31.22 10.54 -29.55
CA THR A 628 31.78 9.63 -28.57
C THR A 628 30.78 9.44 -27.42
N PRO A 629 30.95 8.38 -26.61
CA PRO A 629 30.03 8.20 -25.47
C PRO A 629 30.01 9.38 -24.50
N LEU A 630 31.16 10.04 -24.30
CA LEU A 630 31.21 11.18 -23.40
C LEU A 630 30.32 12.32 -23.91
N VAL A 631 30.39 12.61 -25.21
CA VAL A 631 29.57 13.68 -25.77
C VAL A 631 28.10 13.34 -25.67
N GLN A 632 27.74 12.08 -25.95
CA GLN A 632 26.35 11.65 -25.83
C GLN A 632 25.86 11.81 -24.40
N THR A 633 26.68 11.41 -23.42
CA THR A 633 26.30 11.53 -22.03
C THR A 633 26.10 12.99 -21.63
N PHE A 634 27.01 13.87 -22.08
CA PHE A 634 26.86 15.29 -21.76
C PHE A 634 25.60 15.87 -22.36
N LEU A 635 25.31 15.56 -23.63
CA LEU A 635 24.10 16.07 -24.25
C LEU A 635 22.85 15.54 -23.56
N ARG A 636 22.86 14.26 -23.18
CA ARG A 636 21.71 13.69 -22.48
C ARG A 636 21.51 14.36 -21.14
N ARG A 637 22.59 14.61 -20.39
CA ARG A 637 22.47 15.27 -19.10
C ARG A 637 21.91 16.68 -19.26
N GLN A 638 22.40 17.42 -20.26
CA GLN A 638 21.91 18.78 -20.48
C GLN A 638 20.42 18.77 -20.84
N GLN A 639 20.02 17.84 -21.71
CA GLN A 639 18.61 17.74 -22.09
C GLN A 639 17.74 17.39 -20.89
N ARG A 640 18.19 16.44 -20.07
CA ARG A 640 17.42 16.06 -18.89
C ARG A 640 17.28 17.22 -17.92
N LEU A 641 18.36 17.95 -17.69
CA LEU A 641 18.30 19.10 -16.78
C LEU A 641 17.34 20.15 -17.32
N GLN A 642 17.40 20.44 -18.62
CA GLN A 642 16.49 21.41 -19.21
C GLN A 642 15.04 20.95 -19.09
N GLU A 643 14.79 19.65 -19.31
CA GLU A 643 13.43 19.13 -19.18
C GLU A 643 12.92 19.27 -17.76
N ILE A 644 13.76 18.96 -16.78
CA ILE A 644 13.35 19.10 -15.39
C ILE A 644 13.06 20.56 -15.05
N GLU A 645 13.90 21.47 -15.54
CA GLU A 645 13.69 22.89 -15.28
C GLU A 645 12.38 23.36 -15.91
N ARG A 646 12.10 22.92 -17.13
CA ARG A 646 10.83 23.28 -17.77
C ARG A 646 9.65 22.72 -16.99
N ARG A 647 9.79 21.48 -16.47
CA ARG A 647 8.73 20.90 -15.67
C ARG A 647 8.46 21.73 -14.42
N ARG A 648 9.52 22.19 -13.75
CA ARG A 648 9.34 22.96 -12.52
C ARG A 648 8.58 24.25 -12.79
N ASN A 649 8.90 24.94 -13.88
CA ASN A 649 8.25 26.21 -14.22
C ASN A 649 6.99 25.96 -15.04
N THR A 650 5.99 25.39 -14.35
CA THR A 650 4.69 25.09 -14.94
C THR A 650 3.60 25.71 -14.07
N PRO A 651 2.69 26.52 -14.62
CA PRO A 651 1.65 27.11 -13.77
C PRO A 651 0.64 26.07 -13.29
N PHE A 652 -0.16 26.48 -12.30
CA PHE A 652 -1.07 25.55 -11.63
C PHE A 652 -2.18 25.06 -12.56
N HIS A 653 -2.75 25.96 -13.35
CA HIS A 653 -3.91 25.60 -14.17
C HIS A 653 -3.55 24.52 -15.19
N GLU A 654 -2.34 24.58 -15.76
CA GLU A 654 -1.93 23.52 -16.69
C GLU A 654 -1.84 22.18 -15.98
N ARG A 655 -1.32 22.16 -14.76
CA ARG A 655 -1.23 20.91 -14.01
C ARG A 655 -2.62 20.35 -13.73
N PHE A 656 -3.55 21.21 -13.33
CA PHE A 656 -4.91 20.75 -13.07
C PHE A 656 -5.56 20.20 -14.34
N PHE A 657 -5.35 20.87 -15.47
CA PHE A 657 -5.93 20.41 -16.72
C PHE A 657 -5.36 19.04 -17.12
N ARG A 658 -4.05 18.86 -16.96
CA ARG A 658 -3.44 17.57 -17.27
C ARG A 658 -3.99 16.47 -16.37
N PHE A 659 -4.16 16.77 -15.08
CA PHE A 659 -4.74 15.80 -14.15
C PHE A 659 -6.12 15.37 -14.60
N LEU A 660 -6.97 16.34 -14.95
CA LEU A 660 -8.32 16.02 -15.40
C LEU A 660 -8.31 15.18 -16.66
N LEU A 661 -7.44 15.54 -17.62
CA LEU A 661 -7.38 14.77 -18.87
C LEU A 661 -6.95 13.34 -18.62
N ARG A 662 -5.97 13.13 -17.74
CA ARG A 662 -5.52 11.77 -17.44
C ARG A 662 -6.64 10.95 -16.81
N LYS A 663 -7.39 11.54 -15.87
CA LYS A 663 -8.48 10.79 -15.27
C LYS A 663 -9.56 10.46 -16.29
N LEU A 664 -9.86 11.40 -17.19
CA LEU A 664 -10.82 11.11 -18.25
C LEU A 664 -10.35 9.97 -19.13
N TYR A 665 -9.05 9.93 -19.43
CA TYR A 665 -8.50 8.82 -20.20
C TYR A 665 -8.73 7.49 -19.49
N VAL A 666 -8.49 7.45 -18.18
CA VAL A 666 -8.66 6.21 -17.43
C VAL A 666 -10.11 5.74 -17.51
N PHE A 667 -11.05 6.65 -17.27
CA PHE A 667 -12.46 6.28 -17.29
C PHE A 667 -12.89 5.79 -18.67
N ARG A 668 -12.46 6.50 -19.72
CA ARG A 668 -12.85 6.10 -21.07
C ARG A 668 -12.32 4.73 -21.43
N ARG A 669 -11.06 4.45 -21.08
CA ARG A 669 -10.49 3.14 -21.37
C ARG A 669 -11.25 2.05 -20.65
N SER A 670 -11.57 2.28 -19.37
CA SER A 670 -12.30 1.27 -18.62
C SER A 670 -13.64 0.96 -19.26
N PHE A 671 -14.40 2.01 -19.62
CA PHE A 671 -15.72 1.79 -20.20
C PHE A 671 -15.64 1.06 -21.52
N LEU A 672 -14.74 1.49 -22.41
CA LEU A 672 -14.67 0.87 -23.73
C LEU A 672 -14.23 -0.60 -23.63
N MET A 673 -13.25 -0.90 -22.77
CA MET A 673 -12.82 -2.29 -22.63
C MET A 673 -13.95 -3.15 -22.08
N THR A 674 -14.71 -2.63 -21.11
CA THR A 674 -15.84 -3.39 -20.57
C THR A 674 -16.87 -3.67 -21.66
N CYS A 675 -17.15 -2.67 -22.51
CA CYS A 675 -18.11 -2.87 -23.59
C CYS A 675 -17.63 -3.94 -24.56
N ILE A 676 -16.34 -3.92 -24.91
CA ILE A 676 -15.81 -4.94 -25.83
C ILE A 676 -15.94 -6.32 -25.20
N SER A 677 -15.63 -6.44 -23.91
CA SER A 677 -15.73 -7.74 -23.25
C SER A 677 -17.16 -8.26 -23.24
N LEU A 678 -18.13 -7.38 -22.94
CA LEU A 678 -19.52 -7.80 -22.90
C LEU A 678 -20.00 -8.24 -24.28
N ARG A 679 -19.62 -7.49 -25.32
CA ARG A 679 -19.98 -7.91 -26.68
C ARG A 679 -19.38 -9.27 -27.00
N ASN A 680 -18.13 -9.51 -26.60
CA ASN A 680 -17.51 -10.81 -26.85
C ASN A 680 -18.29 -11.92 -26.15
N LEU A 681 -18.74 -11.66 -24.92
CA LEU A 681 -19.53 -12.68 -24.20
C LEU A 681 -20.84 -12.96 -24.91
N ILE A 682 -21.54 -11.92 -25.35
CA ILE A 682 -22.92 -12.08 -25.80
C ILE A 682 -22.97 -12.52 -27.25
N LEU A 683 -22.42 -11.70 -28.15
CA LEU A 683 -22.56 -11.91 -29.59
C LEU A 683 -21.40 -12.72 -30.19
N GLY A 684 -20.51 -13.26 -29.37
CA GLY A 684 -19.38 -14.01 -29.88
C GLY A 684 -18.20 -13.13 -30.23
N ARG A 685 -17.10 -13.79 -30.60
CA ARG A 685 -15.83 -13.12 -30.84
C ARG A 685 -15.64 -12.89 -32.34
N PRO A 686 -15.53 -11.63 -32.82
CA PRO A 686 -15.29 -11.45 -34.27
C PRO A 686 -13.86 -11.77 -34.69
N SER A 687 -13.54 -11.51 -35.95
CA SER A 687 -12.21 -11.77 -36.48
C SER A 687 -11.17 -10.93 -35.76
N LEU A 688 -9.91 -11.35 -35.91
CA LEU A 688 -8.82 -10.71 -35.18
C LEU A 688 -8.63 -9.26 -35.59
N GLU A 689 -8.85 -8.95 -36.87
CA GLU A 689 -8.65 -7.59 -37.35
C GLU A 689 -9.61 -6.62 -36.68
N GLN A 690 -10.88 -7.01 -36.55
CA GLN A 690 -11.85 -6.14 -35.89
C GLN A 690 -11.51 -5.95 -34.42
N LEU A 691 -11.06 -7.02 -33.74
CA LEU A 691 -10.65 -6.90 -32.35
C LEU A 691 -9.48 -5.94 -32.22
N ALA A 692 -8.50 -6.04 -33.12
CA ALA A 692 -7.35 -5.14 -33.07
C ALA A 692 -7.77 -3.70 -33.29
N GLN A 693 -8.68 -3.47 -34.24
CA GLN A 693 -9.16 -2.12 -34.49
C GLN A 693 -9.87 -1.54 -33.27
N GLU A 694 -10.74 -2.34 -32.65
CA GLU A 694 -11.45 -1.86 -31.47
C GLU A 694 -10.49 -1.58 -30.32
N VAL A 695 -9.51 -2.47 -30.10
CA VAL A 695 -8.57 -2.27 -29.02
C VAL A 695 -7.72 -1.03 -29.27
N THR A 696 -7.33 -0.80 -30.52
CA THR A 696 -6.59 0.42 -30.84
C THR A 696 -7.43 1.66 -30.57
N TYR A 697 -8.72 1.61 -30.93
CA TYR A 697 -9.58 2.76 -30.67
C TYR A 697 -9.77 2.99 -29.18
N ALA A 698 -9.77 1.93 -28.38
CA ALA A 698 -9.97 2.08 -26.94
C ALA A 698 -8.85 2.87 -26.29
N ASN A 699 -7.60 2.58 -26.66
CA ASN A 699 -6.44 3.16 -25.98
C ASN A 699 -6.14 4.60 -26.36
N LEU A 700 -6.85 5.16 -27.34
CA LEU A 700 -6.50 6.47 -27.86
C LEU A 700 -6.63 7.55 -26.79
N ARG A 701 -5.65 8.44 -26.73
CA ARG A 701 -5.65 9.51 -25.75
C ARG A 701 -6.76 10.51 -26.07
N PRO A 702 -7.42 11.11 -25.04
CA PRO A 702 -8.53 12.04 -25.33
C PRO A 702 -8.14 13.24 -26.18
N PHE A 703 -7.05 13.92 -25.82
CA PHE A 703 -6.66 15.18 -26.43
C PHE A 703 -7.80 16.19 -26.37
N GLU B 1 7.27 -13.98 -18.66
CA GLU B 1 8.66 -13.86 -19.06
C GLU B 1 9.14 -15.15 -19.72
N GLU B 2 9.85 -15.02 -20.83
CA GLU B 2 10.30 -16.17 -21.62
C GLU B 2 11.65 -15.79 -22.25
N THR B 3 12.09 -16.59 -23.22
CA THR B 3 13.31 -16.44 -24.02
C THR B 3 14.55 -16.87 -23.25
N ASP B 4 14.43 -17.40 -22.04
CA ASP B 4 15.56 -17.90 -21.26
C ASP B 4 16.60 -16.81 -20.95
N GLN B 5 16.19 -15.55 -20.96
CA GLN B 5 17.05 -14.43 -20.58
C GLN B 5 16.45 -13.57 -19.48
N GLU B 6 15.16 -13.70 -19.21
CA GLU B 6 14.50 -13.03 -18.09
C GLU B 6 14.16 -13.99 -16.96
N VAL B 7 14.48 -15.28 -17.10
CA VAL B 7 14.20 -16.31 -16.10
C VAL B 7 15.47 -16.94 -15.57
N PHE B 8 16.64 -16.49 -16.01
CA PHE B 8 17.91 -17.04 -15.56
C PHE B 8 18.94 -15.93 -15.54
N LEU B 9 19.82 -15.97 -14.54
CA LEU B 9 20.95 -15.06 -14.42
C LEU B 9 22.23 -15.86 -14.24
N GLY B 10 23.34 -15.28 -14.69
CA GLY B 10 24.63 -15.88 -14.49
C GLY B 10 25.05 -15.75 -13.03
N PRO B 11 26.09 -16.46 -12.62
CA PRO B 11 26.54 -16.36 -11.22
C PRO B 11 26.95 -14.94 -10.83
N PRO B 12 27.85 -14.28 -11.57
CA PRO B 12 28.35 -12.99 -11.06
C PRO B 12 27.30 -11.90 -11.00
N GLU B 13 26.33 -11.87 -11.91
CA GLU B 13 25.33 -10.81 -11.93
C GLU B 13 24.17 -11.08 -10.98
N ALA B 14 24.12 -12.24 -10.32
CA ALA B 14 23.09 -12.56 -9.35
C ALA B 14 23.58 -12.45 -7.91
N GLN B 15 24.89 -12.34 -7.68
CA GLN B 15 25.48 -12.23 -6.36
C GLN B 15 26.08 -10.85 -6.10
N SER B 16 25.78 -9.86 -6.95
CA SER B 16 26.28 -8.51 -6.73
C SER B 16 25.51 -7.85 -5.59
N PHE B 17 26.06 -7.94 -4.38
CA PHE B 17 25.34 -7.47 -3.20
C PHE B 17 25.23 -5.95 -3.19
N LEU B 18 26.32 -5.25 -3.51
CA LEU B 18 26.38 -3.80 -3.40
C LEU B 18 26.06 -3.18 -4.75
N SER B 19 25.09 -2.26 -4.75
CA SER B 19 24.68 -1.53 -5.95
C SER B 19 24.58 -0.06 -5.60
N SER B 20 25.20 0.79 -6.42
CA SER B 20 25.19 2.22 -6.17
C SER B 20 23.86 2.84 -6.55
N HIS B 21 23.48 3.88 -5.81
CA HIS B 21 22.24 4.62 -6.05
C HIS B 21 22.56 6.11 -6.09
N THR B 22 22.02 6.80 -7.10
CA THR B 22 22.24 8.22 -7.28
C THR B 22 20.98 9.01 -6.96
N LEU B 63 11.23 1.20 -3.83
CA LEU B 63 11.02 2.16 -2.77
C LEU B 63 11.83 1.78 -1.53
N THR B 64 12.14 2.79 -0.70
CA THR B 64 12.87 2.59 0.55
C THR B 64 12.07 3.00 1.78
N GLU B 65 10.86 3.55 1.61
CA GLU B 65 9.99 3.93 2.72
C GLU B 65 8.56 3.50 2.43
N ARG B 66 8.39 2.29 1.90
CA ARG B 66 7.06 1.79 1.59
C ARG B 66 6.32 1.43 2.87
N PHE B 67 5.03 1.78 2.92
CA PHE B 67 4.20 1.59 4.10
C PHE B 67 3.13 0.53 3.95
N TRP B 68 2.99 -0.09 2.77
CA TRP B 68 2.00 -1.11 2.47
C TRP B 68 0.57 -0.60 2.47
N GLU B 69 0.37 0.72 2.58
CA GLU B 69 -0.95 1.34 2.58
C GLU B 69 -1.00 2.41 1.50
N SER B 70 -0.49 2.09 0.32
CA SER B 70 -0.48 3.00 -0.81
C SER B 70 -0.75 2.21 -2.08
N TYR B 71 -1.80 2.61 -2.82
CA TYR B 71 -2.12 1.97 -4.08
C TYR B 71 -1.05 2.32 -5.11
N ILE B 72 -0.55 1.29 -5.80
CA ILE B 72 0.52 1.45 -6.78
C ILE B 72 -0.13 1.62 -8.15
N TYR B 73 -0.02 2.82 -8.71
CA TYR B 73 -0.59 3.08 -10.03
C TYR B 73 0.15 2.25 -11.09
N ASN B 74 -0.61 1.77 -12.07
CA ASN B 74 -0.08 0.96 -13.17
C ASN B 74 -0.25 1.63 -14.53
N GLY B 75 -1.37 2.32 -14.75
CA GLY B 75 -1.62 2.97 -16.02
C GLY B 75 -3.10 3.12 -16.32
#